data_6X88
#
_entry.id   6X88
#
_cell.length_a   148.499
_cell.length_b   148.499
_cell.length_c   93.678
_cell.angle_alpha   90.000
_cell.angle_beta   90.000
_cell.angle_gamma   120.000
#
_symmetry.space_group_name_H-M   'P 65'
#
_entity_poly.entity_id   1
_entity_poly.type   'polypeptide(L)'
_entity_poly.pdbx_seq_one_letter_code
;MGEVNKDAVEKYLENNPQFAKEYFDRKMRAEVLGSIFQVSPGDVKEGVSFKDMSRLEECNILFELLTEIQDEAGSMEKIV
HKTLQRLSQLLARDRCSMFICRSRNGIPEVATRLLNVTPTSKFEDNLVNPDKETVFPLDIGIAGWVAHTKKFFNIPDVKK
NNHFSDYLDKKTGYTTVNMMAIPITQGKEVLAVVMALNKLNASEFSKEDEEVFKKYLNFISLVLRNHHTSYLYNIESRRS
QMLLWSANKVFEELTDIERQFHKALYTIRMYLNCERYSVGLLDMTKEKEFYDEWPIRLGEAEPYKGPKTPDGREVNFYKI
IDYILHGKEEIKVIPTPPADHWCLISGLPTYVAENGFICNMMNAPADEYFTFQKGPVDETGWVIKNVLSLPIVNKKEEIV
GVATFYNRKDGKPFDEYDEQIIETLTQFLGWSVLNTDTYDKMNKLENRKDIAQEMLMYQTKATPTEVESILKYKEKLNVK
SIEECDEKDLIRILKEELPDPKDLELYEFRFSDFPVTEHGLITCGIRLFFEINVVEKFKVPAEVLTRWMYTVRKGYRDIT
YHNWRHGFNVGQTMFTLLMTGRIKKYYTDLEAFAMVAAAFCHDIDHRGTNNLYQMKSAAPLAKLHGSSILERHHLEYSKT
LLQDESLNIFQNLNKRQFETVLHLFEVAIIATDLALYFKKRTMFQKIVDAIEKMETEEEAIKYISIDPTKKEVIMAMMMT
GCDLSAITKPWEVQSKVALMVANEFWEQGDLERTVLQQQPIPMMDRNKGDELPKLQVGFIDFVCTFVYKEFSRFHKEITP
MFDGLQNNRVEWKTRADEYEEKMKVIEEQKKKEEEAAAKKAENAAGGGGGGEDGKSKTCIVL
;
_entity_poly.pdbx_strand_id   A,B
#
# COMPACT_ATOMS: atom_id res chain seq x y z
N VAL A 48 -23.75 30.47 -31.51
CA VAL A 48 -23.70 30.12 -30.06
C VAL A 48 -22.78 31.10 -29.31
N SER A 49 -23.16 31.42 -28.07
CA SER A 49 -22.51 32.48 -27.30
C SER A 49 -21.19 32.03 -26.70
N PHE A 50 -20.22 32.95 -26.68
CA PHE A 50 -18.93 32.82 -25.96
C PHE A 50 -18.95 31.98 -24.66
N LYS A 51 -19.97 32.14 -23.83
CA LYS A 51 -20.15 31.28 -22.66
C LYS A 51 -20.74 29.93 -23.08
N ASP A 52 -22.01 29.93 -23.52
CA ASP A 52 -22.76 28.70 -23.83
C ASP A 52 -21.94 27.57 -24.51
N MET A 53 -20.98 27.96 -25.35
CA MET A 53 -20.00 27.02 -25.91
C MET A 53 -18.95 26.67 -24.87
N SER A 54 -18.32 27.69 -24.30
CA SER A 54 -17.27 27.50 -23.32
C SER A 54 -17.69 26.39 -22.35
N ARG A 55 -18.95 26.40 -21.92
CA ARG A 55 -19.52 25.31 -21.15
C ARG A 55 -19.38 24.00 -21.92
N LEU A 56 -20.16 23.79 -22.98
CA LEU A 56 -19.97 22.61 -23.85
C LEU A 56 -18.49 22.19 -24.02
N GLU A 57 -17.60 23.17 -24.15
CA GLU A 57 -16.16 22.91 -24.33
C GLU A 57 -15.51 22.28 -23.10
N GLU A 58 -15.99 22.61 -21.92
CA GLU A 58 -15.49 22.00 -20.69
C GLU A 58 -15.54 20.45 -20.69
N CYS A 59 -16.60 19.88 -21.28
CA CYS A 59 -16.78 18.44 -21.31
C CYS A 59 -15.92 17.88 -22.41
N ASN A 60 -15.65 18.67 -23.44
CA ASN A 60 -14.61 18.28 -24.38
C ASN A 60 -13.31 18.04 -23.61
N ILE A 61 -12.88 19.03 -22.83
CA ILE A 61 -11.67 18.87 -22.02
C ILE A 61 -11.79 17.72 -21.00
N LEU A 62 -12.92 17.59 -20.31
CA LEU A 62 -12.97 16.60 -19.25
C LEU A 62 -12.80 15.18 -19.79
N PHE A 63 -13.75 14.72 -20.60
CA PHE A 63 -13.68 13.39 -21.17
C PHE A 63 -12.34 13.11 -21.86
N GLU A 64 -11.67 14.16 -22.34
CA GLU A 64 -10.30 14.07 -22.84
C GLU A 64 -9.35 13.63 -21.71
N LEU A 65 -9.48 14.25 -20.55
CA LEU A 65 -8.57 13.99 -19.45
C LEU A 65 -8.76 12.58 -18.91
N LEU A 66 -10.01 12.22 -18.63
CA LEU A 66 -10.35 10.85 -18.25
C LEU A 66 -9.82 9.86 -19.23
N THR A 67 -10.04 10.16 -20.50
CA THR A 67 -9.57 9.29 -21.57
C THR A 67 -8.10 9.08 -21.43
N GLU A 68 -7.35 10.17 -21.23
CA GLU A 68 -5.92 10.04 -21.08
C GLU A 68 -5.58 9.19 -19.89
N ILE A 69 -6.03 9.60 -18.72
CA ILE A 69 -5.58 8.93 -17.50
C ILE A 69 -6.01 7.45 -17.40
N GLN A 70 -6.71 6.95 -18.40
CA GLN A 70 -6.96 5.53 -18.53
C GLN A 70 -5.76 4.72 -19.05
N ASP A 71 -4.75 5.41 -19.60
CA ASP A 71 -3.48 4.76 -19.86
C ASP A 71 -2.62 4.94 -18.61
N GLU A 72 -2.13 3.84 -18.05
CA GLU A 72 -1.59 3.88 -16.67
C GLU A 72 -0.17 4.43 -16.55
N ALA A 73 0.61 4.32 -17.63
CA ALA A 73 1.97 4.86 -17.64
C ALA A 73 2.17 5.68 -18.91
N GLY A 74 2.40 7.00 -18.82
CA GLY A 74 2.55 7.77 -17.57
C GLY A 74 1.23 8.23 -17.01
N SER A 75 1.20 9.19 -16.08
CA SER A 75 2.33 9.86 -15.43
C SER A 75 1.69 11.05 -14.73
N MET A 76 1.55 10.98 -13.42
CA MET A 76 0.83 12.04 -12.71
C MET A 76 1.17 13.43 -13.21
N GLU A 77 2.45 13.71 -13.35
CA GLU A 77 2.89 15.07 -13.60
C GLU A 77 2.44 15.54 -14.99
N LYS A 78 2.43 14.61 -15.95
CA LYS A 78 1.98 14.86 -17.33
C LYS A 78 0.51 15.31 -17.40
N ILE A 79 -0.37 14.52 -16.77
CA ILE A 79 -1.82 14.80 -16.74
C ILE A 79 -2.18 16.04 -15.90
N VAL A 80 -1.41 16.33 -14.84
CA VAL A 80 -1.62 17.58 -14.13
C VAL A 80 -1.16 18.76 -14.97
N HIS A 81 0.05 18.68 -15.53
CA HIS A 81 0.52 19.69 -16.51
C HIS A 81 -0.45 19.96 -17.65
N LYS A 82 -0.99 18.88 -18.21
CA LYS A 82 -2.01 18.99 -19.24
C LYS A 82 -3.26 19.67 -18.72
N THR A 83 -3.58 19.43 -17.46
CA THR A 83 -4.75 20.07 -16.88
C THR A 83 -4.46 21.53 -16.52
N LEU A 84 -3.24 21.85 -16.14
CA LEU A 84 -2.89 23.22 -15.89
C LEU A 84 -2.95 24.02 -17.19
N GLN A 85 -2.67 23.36 -18.31
CA GLN A 85 -2.79 24.01 -19.62
C GLN A 85 -4.21 24.41 -19.90
N ARG A 86 -5.10 23.44 -19.80
CA ARG A 86 -6.51 23.64 -20.13
C ARG A 86 -7.23 24.61 -19.19
N LEU A 87 -6.73 24.78 -17.97
CA LEU A 87 -7.23 25.84 -17.07
C LEU A 87 -6.85 27.15 -17.66
N SER A 88 -5.56 27.37 -17.89
CA SER A 88 -5.12 28.62 -18.51
C SER A 88 -6.01 29.01 -19.72
N GLN A 89 -6.07 28.13 -20.72
CA GLN A 89 -6.98 28.23 -21.88
C GLN A 89 -8.38 28.65 -21.43
N LEU A 90 -8.96 27.86 -20.54
CA LEU A 90 -10.37 27.99 -20.17
C LEU A 90 -10.63 28.96 -19.01
N LEU A 91 -9.65 29.79 -18.68
CA LEU A 91 -9.73 30.64 -17.50
C LEU A 91 -8.79 31.85 -17.60
N ALA A 92 -8.39 32.19 -18.82
CA ALA A 92 -7.59 33.38 -19.06
C ALA A 92 -6.62 33.60 -17.95
N ARG A 93 -5.65 32.69 -17.87
CA ARG A 93 -4.55 32.76 -16.92
C ARG A 93 -3.25 32.68 -17.69
N ASP A 94 -2.30 33.55 -17.35
CA ASP A 94 -1.02 33.58 -18.06
C ASP A 94 -0.30 32.24 -17.91
N ARG A 95 -0.18 31.78 -16.68
CA ARG A 95 0.57 30.58 -16.37
C ARG A 95 0.19 30.06 -15.01
N CYS A 96 -0.12 28.77 -14.89
CA CYS A 96 -0.28 28.11 -13.58
C CYS A 96 1.06 27.64 -13.06
N SER A 97 1.05 27.16 -11.82
CA SER A 97 2.17 26.37 -11.27
C SER A 97 1.68 25.40 -10.19
N MET A 98 2.43 24.32 -9.97
CA MET A 98 2.10 23.33 -8.94
C MET A 98 3.26 23.15 -7.99
N PHE A 99 2.96 23.23 -6.70
CA PHE A 99 3.90 22.91 -5.67
C PHE A 99 3.55 21.57 -5.03
N ILE A 100 4.56 20.94 -4.44
CA ILE A 100 4.44 19.65 -3.78
C ILE A 100 4.73 19.84 -2.31
N CYS A 101 4.06 19.08 -1.49
CA CYS A 101 4.23 19.23 -0.07
C CYS A 101 4.64 17.92 0.52
N ARG A 102 5.53 18.00 1.50
CA ARG A 102 6.09 16.83 2.14
C ARG A 102 6.48 17.19 3.57
N SER A 103 7.04 16.22 4.26
CA SER A 103 7.62 16.47 5.55
C SER A 103 8.96 15.79 5.63
N ARG A 104 9.81 16.30 6.51
CA ARG A 104 11.16 15.84 6.66
C ARG A 104 11.53 16.24 8.05
N ASN A 105 12.03 15.28 8.83
CA ASN A 105 12.03 15.42 10.28
C ASN A 105 10.55 15.63 10.56
N GLY A 106 10.22 16.14 11.72
CA GLY A 106 8.81 16.40 12.00
C GLY A 106 8.15 17.51 11.22
N ILE A 107 8.89 18.19 10.36
CA ILE A 107 8.47 19.45 9.78
C ILE A 107 7.95 19.26 8.37
N PRO A 108 6.90 20.03 7.98
CA PRO A 108 6.41 20.03 6.60
C PRO A 108 7.10 21.08 5.79
N GLU A 109 7.04 20.94 4.47
CA GLU A 109 7.56 21.97 3.58
C GLU A 109 6.98 21.78 2.19
N VAL A 110 7.26 22.76 1.35
CA VAL A 110 6.68 22.88 0.03
C VAL A 110 7.82 23.07 -0.97
N ALA A 111 7.62 22.72 -2.23
CA ALA A 111 8.69 22.84 -3.17
C ALA A 111 8.18 22.87 -4.59
N THR A 112 8.90 23.53 -5.49
CA THR A 112 8.44 23.63 -6.88
C THR A 112 8.26 22.28 -7.56
N ARG A 113 7.56 22.25 -8.70
CA ARG A 113 7.36 20.99 -9.44
C ARG A 113 6.90 21.16 -10.90
N LEU A 114 5.76 21.80 -11.10
CA LEU A 114 5.35 22.28 -12.42
C LEU A 114 5.33 23.79 -12.35
N LEU A 115 6.05 24.46 -13.25
CA LEU A 115 6.18 25.93 -13.18
C LEU A 115 5.95 26.68 -14.51
N ASN A 116 5.16 27.76 -14.38
CA ASN A 116 4.89 28.69 -15.47
C ASN A 116 4.25 27.97 -16.67
N VAL A 117 3.04 27.44 -16.44
CA VAL A 117 2.28 26.68 -17.45
C VAL A 117 1.22 27.49 -18.23
N THR A 118 1.65 28.06 -19.36
CA THR A 118 0.77 28.63 -20.37
C THR A 118 -0.14 27.54 -20.93
N PRO A 119 -1.12 27.93 -21.77
CA PRO A 119 -1.92 26.89 -22.43
C PRO A 119 -1.18 26.25 -23.63
N THR A 120 0.13 26.10 -23.51
CA THR A 120 0.99 25.88 -24.68
C THR A 120 2.37 25.33 -24.33
N SER A 121 3.00 25.93 -23.32
CA SER A 121 4.33 25.48 -22.92
C SER A 121 4.35 23.97 -22.95
N LYS A 122 5.43 23.42 -23.50
CA LYS A 122 5.64 21.97 -23.64
C LYS A 122 6.04 21.37 -22.30
N PHE A 123 5.67 20.11 -22.09
CA PHE A 123 5.85 19.46 -20.81
C PHE A 123 7.25 19.69 -20.20
N GLU A 124 8.30 19.35 -20.94
CA GLU A 124 9.64 19.45 -20.38
C GLU A 124 10.08 20.89 -20.06
N ASP A 125 9.44 21.89 -20.66
CA ASP A 125 9.73 23.28 -20.31
C ASP A 125 9.03 23.66 -19.00
N ASN A 126 8.11 22.79 -18.56
CA ASN A 126 7.38 23.01 -17.34
C ASN A 126 7.79 22.14 -16.17
N LEU A 127 8.03 20.85 -16.42
CA LEU A 127 8.38 19.94 -15.33
C LEU A 127 9.74 20.28 -14.74
N VAL A 128 9.80 20.34 -13.41
CA VAL A 128 11.01 20.75 -12.66
C VAL A 128 11.75 19.56 -12.06
N ASN A 129 12.97 19.34 -12.54
CA ASN A 129 13.82 18.31 -12.01
C ASN A 129 14.27 18.61 -10.57
N PRO A 130 14.32 17.57 -9.73
CA PRO A 130 14.60 17.82 -8.33
C PRO A 130 15.89 18.56 -8.12
N ASP A 131 16.91 18.25 -8.93
CA ASP A 131 18.20 18.92 -8.79
C ASP A 131 18.04 20.43 -8.87
N LYS A 132 17.04 20.88 -9.64
CA LYS A 132 16.71 22.30 -9.80
C LYS A 132 15.53 22.81 -8.99
N GLU A 133 14.80 21.94 -8.30
CA GLU A 133 13.63 22.36 -7.51
C GLU A 133 13.95 23.45 -6.48
N THR A 134 12.93 24.26 -6.14
CA THR A 134 13.08 25.35 -5.19
C THR A 134 12.10 25.14 -4.08
N VAL A 135 12.57 25.30 -2.84
CA VAL A 135 11.90 24.74 -1.65
C VAL A 135 11.50 25.80 -0.60
N PHE A 136 10.33 25.68 0.04
CA PHE A 136 9.84 26.70 0.99
C PHE A 136 9.29 26.17 2.31
N PRO A 137 9.75 26.71 3.43
CA PRO A 137 9.02 26.39 4.66
C PRO A 137 7.69 27.12 4.65
N LEU A 138 6.66 26.49 5.19
CA LEU A 138 5.29 27.03 5.18
C LEU A 138 5.16 28.47 5.75
N ASP A 139 6.01 28.76 6.73
CA ASP A 139 6.11 30.07 7.36
C ASP A 139 7.02 30.92 6.50
N ILE A 140 6.49 31.35 5.34
CA ILE A 140 7.16 32.12 4.24
C ILE A 140 6.48 31.75 2.90
N GLY A 141 6.26 32.74 2.04
CA GLY A 141 5.67 32.51 0.73
C GLY A 141 4.22 32.10 0.82
N ILE A 142 3.52 32.24 -0.30
CA ILE A 142 2.06 32.06 -0.30
C ILE A 142 1.65 30.60 -0.27
N ALA A 143 2.23 29.79 -1.15
CA ALA A 143 1.97 28.36 -1.16
C ALA A 143 2.21 27.75 0.23
N GLY A 144 3.36 28.08 0.81
CA GLY A 144 3.67 27.64 2.17
C GLY A 144 2.59 27.98 3.19
N TRP A 145 2.15 29.23 3.14
CA TRP A 145 1.06 29.69 3.98
C TRP A 145 -0.26 28.92 3.72
N VAL A 146 -0.66 28.88 2.45
CA VAL A 146 -1.81 28.09 2.01
C VAL A 146 -1.73 26.63 2.47
N ALA A 147 -0.54 26.04 2.34
CA ALA A 147 -0.29 24.68 2.79
C ALA A 147 -0.38 24.59 4.30
N HIS A 148 -0.01 25.65 4.99
CA HIS A 148 -0.18 25.71 6.42
C HIS A 148 -1.65 25.76 6.78
N THR A 149 -2.38 26.63 6.08
CA THR A 149 -3.76 26.94 6.44
C THR A 149 -4.80 26.03 5.81
N LYS A 150 -4.39 25.09 5.00
CA LYS A 150 -5.34 24.19 4.35
C LYS A 150 -6.58 24.91 3.76
N LYS A 151 -6.37 26.11 3.21
CA LYS A 151 -7.49 26.98 2.79
C LYS A 151 -7.40 27.42 1.33
N PHE A 152 -8.55 27.76 0.76
CA PHE A 152 -8.63 28.40 -0.58
C PHE A 152 -8.45 29.91 -0.53
N PHE A 153 -7.80 30.49 -1.55
CA PHE A 153 -7.66 31.94 -1.68
C PHE A 153 -7.84 32.42 -3.11
N ASN A 154 -8.47 33.58 -3.26
CA ASN A 154 -8.53 34.29 -4.52
C ASN A 154 -7.86 35.66 -4.40
N ILE A 155 -6.54 35.64 -4.26
CA ILE A 155 -5.76 36.84 -4.01
C ILE A 155 -5.81 37.82 -5.19
N PRO A 156 -6.37 39.02 -4.96
CA PRO A 156 -6.31 40.04 -6.01
C PRO A 156 -4.89 40.63 -6.18
N ASP A 157 -4.43 41.43 -5.23
CA ASP A 157 -3.16 42.12 -5.37
C ASP A 157 -2.12 41.41 -4.50
N VAL A 158 -1.26 40.62 -5.14
CA VAL A 158 -0.21 39.88 -4.42
C VAL A 158 0.70 40.80 -3.59
N LYS A 159 1.28 41.81 -4.24
CA LYS A 159 2.12 42.82 -3.59
C LYS A 159 1.49 43.38 -2.32
N LYS A 160 0.16 43.50 -2.32
CA LYS A 160 -0.59 43.98 -1.17
C LYS A 160 -0.88 42.79 -0.24
N ASN A 161 0.13 41.95 -0.03
CA ASN A 161 -0.04 40.76 0.79
C ASN A 161 1.22 40.46 1.59
N ASN A 162 1.01 40.11 2.86
CA ASN A 162 2.10 39.98 3.85
C ASN A 162 2.63 38.54 4.00
N HIS A 163 2.15 37.64 3.14
CA HIS A 163 2.67 36.27 3.00
C HIS A 163 3.37 36.09 1.65
N PHE A 164 3.84 37.18 1.07
CA PHE A 164 4.39 37.14 -0.27
C PHE A 164 5.86 36.85 -0.12
N SER A 165 6.42 36.23 -1.15
CA SER A 165 7.86 36.18 -1.31
C SER A 165 8.17 36.61 -2.74
N ASP A 166 9.16 37.47 -2.86
CA ASP A 166 9.57 38.02 -4.14
C ASP A 166 10.59 37.10 -4.85
N TYR A 167 10.73 35.86 -4.38
CA TYR A 167 11.82 34.97 -4.82
C TYR A 167 11.61 34.47 -6.25
N LEU A 168 10.58 33.66 -6.50
CA LEU A 168 10.37 33.07 -7.83
C LEU A 168 10.30 34.10 -8.95
N ASP A 169 9.39 35.06 -8.80
CA ASP A 169 9.25 36.19 -9.74
C ASP A 169 10.52 37.03 -9.87
N LYS A 170 11.38 36.99 -8.84
CA LYS A 170 12.69 37.61 -8.91
C LYS A 170 13.67 36.66 -9.55
N LYS A 171 13.45 35.37 -9.37
CA LYS A 171 14.36 34.36 -9.91
C LYS A 171 14.13 34.21 -11.42
N THR A 172 12.87 34.19 -11.85
CA THR A 172 12.53 34.12 -13.27
C THR A 172 12.29 35.48 -13.93
N GLY A 173 12.08 36.52 -13.11
CA GLY A 173 11.70 37.84 -13.63
C GLY A 173 10.31 37.87 -14.21
N TYR A 174 9.46 36.92 -13.79
CA TYR A 174 8.17 36.66 -14.41
C TYR A 174 7.02 37.18 -13.56
N THR A 175 7.27 38.33 -12.90
CA THR A 175 6.37 38.95 -11.92
C THR A 175 4.87 38.71 -12.07
N THR A 176 4.30 38.27 -10.95
CA THR A 176 2.92 37.86 -10.83
C THR A 176 2.11 39.04 -10.29
N VAL A 177 0.81 38.87 -10.12
CA VAL A 177 0.02 39.91 -9.45
C VAL A 177 -1.29 39.42 -8.87
N ASN A 178 -1.98 38.57 -9.63
CA ASN A 178 -3.16 37.85 -9.13
C ASN A 178 -2.95 36.33 -9.21
N MET A 179 -3.48 35.62 -8.22
CA MET A 179 -3.53 34.17 -8.25
C MET A 179 -4.67 33.67 -7.37
N MET A 180 -5.34 32.63 -7.87
CA MET A 180 -6.22 31.82 -7.04
C MET A 180 -5.39 30.57 -6.76
N ALA A 181 -5.32 30.20 -5.48
CA ALA A 181 -4.48 29.08 -5.01
C ALA A 181 -5.20 28.16 -4.01
N ILE A 182 -5.24 26.87 -4.33
CA ILE A 182 -5.93 25.85 -3.52
C ILE A 182 -4.91 24.91 -2.89
N PRO A 183 -5.32 24.17 -1.85
CA PRO A 183 -4.52 23.04 -1.43
C PRO A 183 -5.14 21.72 -1.86
N ILE A 184 -4.30 20.70 -2.06
CA ILE A 184 -4.78 19.34 -2.35
C ILE A 184 -4.58 18.52 -1.11
N THR A 185 -5.53 17.67 -0.75
CA THR A 185 -5.43 16.98 0.53
C THR A 185 -5.94 15.58 0.54
N GLN A 186 -5.21 14.75 1.28
CA GLN A 186 -5.62 13.40 1.58
C GLN A 186 -5.72 13.36 3.09
N GLY A 187 -6.96 13.22 3.58
CA GLY A 187 -7.24 13.23 5.02
C GLY A 187 -6.65 14.45 5.69
N LYS A 188 -5.91 14.21 6.79
CA LYS A 188 -5.29 15.26 7.61
C LYS A 188 -4.21 15.99 6.86
N GLU A 189 -3.58 15.29 5.92
CA GLU A 189 -2.33 15.76 5.35
C GLU A 189 -2.62 16.51 4.07
N VAL A 190 -1.58 17.21 3.60
CA VAL A 190 -1.68 18.02 2.40
C VAL A 190 -0.66 17.59 1.30
N LEU A 191 -1.18 17.07 0.20
CA LEU A 191 -0.34 16.53 -0.87
C LEU A 191 0.39 17.59 -1.69
N ALA A 192 -0.34 18.66 -1.99
CA ALA A 192 0.10 19.61 -3.00
C ALA A 192 -0.63 20.98 -2.88
N VAL A 193 -0.17 21.94 -3.69
CA VAL A 193 -0.70 23.30 -3.76
C VAL A 193 -0.65 23.75 -5.23
N VAL A 194 -1.80 24.18 -5.76
CA VAL A 194 -1.94 24.54 -7.19
C VAL A 194 -2.42 25.98 -7.33
N MET A 195 -1.65 26.80 -8.04
CA MET A 195 -1.96 28.21 -8.17
C MET A 195 -1.94 28.68 -9.62
N ALA A 196 -3.09 29.16 -10.09
CA ALA A 196 -3.20 29.80 -11.40
C ALA A 196 -2.81 31.27 -11.32
N LEU A 197 -1.83 31.68 -12.14
CA LEU A 197 -1.27 33.04 -12.13
C LEU A 197 -1.76 33.94 -13.28
N ASN A 198 -1.48 35.23 -13.08
CA ASN A 198 -1.80 36.33 -13.97
C ASN A 198 -3.02 36.23 -14.89
N LYS A 199 -4.17 36.56 -14.29
CA LYS A 199 -5.44 36.84 -14.99
C LYS A 199 -5.23 37.76 -16.15
N LEU A 200 -5.61 37.29 -17.33
CA LEU A 200 -5.10 37.87 -18.56
C LEU A 200 -5.70 39.25 -18.81
N ASN A 201 -6.92 39.30 -19.34
CA ASN A 201 -7.54 40.56 -19.70
C ASN A 201 -8.55 40.96 -18.65
N ALA A 202 -8.04 41.08 -17.43
CA ALA A 202 -8.79 41.57 -16.30
C ALA A 202 -7.78 41.97 -15.21
N SER A 203 -8.28 42.14 -14.00
CA SER A 203 -7.46 42.43 -12.81
C SER A 203 -7.72 41.48 -11.63
N GLU A 204 -8.91 40.88 -11.60
CA GLU A 204 -9.26 39.80 -10.67
C GLU A 204 -9.77 38.59 -11.44
N PHE A 205 -9.63 37.42 -10.83
CA PHE A 205 -10.33 36.24 -11.30
C PHE A 205 -11.78 36.31 -10.82
N SER A 206 -12.70 36.18 -11.78
CA SER A 206 -14.12 36.29 -11.54
C SER A 206 -14.57 35.15 -10.66
N LYS A 207 -15.59 35.38 -9.84
CA LYS A 207 -16.14 34.28 -9.08
C LYS A 207 -16.67 33.16 -9.98
N GLU A 208 -16.77 33.42 -11.28
CA GLU A 208 -17.11 32.38 -12.26
C GLU A 208 -15.87 31.56 -12.62
N ASP A 209 -14.69 32.15 -12.41
CA ASP A 209 -13.43 31.41 -12.53
C ASP A 209 -13.25 30.55 -11.29
N GLU A 210 -13.31 31.17 -10.11
CA GLU A 210 -13.14 30.47 -8.84
C GLU A 210 -13.74 29.07 -8.97
N GLU A 211 -15.00 29.03 -9.41
CA GLU A 211 -15.76 27.79 -9.38
C GLU A 211 -15.30 26.87 -10.50
N VAL A 212 -14.76 27.43 -11.58
CA VAL A 212 -14.20 26.61 -12.65
C VAL A 212 -12.87 26.00 -12.21
N PHE A 213 -11.98 26.85 -11.71
CA PHE A 213 -10.81 26.39 -10.98
C PHE A 213 -11.22 25.18 -10.14
N LYS A 214 -12.07 25.42 -9.14
CA LYS A 214 -12.43 24.39 -8.18
C LYS A 214 -12.87 23.14 -8.92
N LYS A 215 -13.83 23.33 -9.80
CA LYS A 215 -14.39 22.26 -10.61
C LYS A 215 -13.34 21.21 -11.00
N TYR A 216 -12.30 21.68 -11.70
CA TYR A 216 -11.28 20.81 -12.29
C TYR A 216 -10.30 20.30 -11.25
N LEU A 217 -10.06 21.10 -10.22
CA LEU A 217 -9.14 20.67 -9.20
C LEU A 217 -9.62 19.39 -8.53
N ASN A 218 -10.92 19.18 -8.46
CA ASN A 218 -11.37 17.87 -8.03
C ASN A 218 -10.82 16.75 -8.90
N PHE A 219 -10.75 16.95 -10.22
CA PHE A 219 -10.11 15.98 -11.09
C PHE A 219 -8.67 15.75 -10.61
N ILE A 220 -7.89 16.83 -10.58
CA ILE A 220 -6.50 16.81 -10.08
C ILE A 220 -6.38 16.05 -8.76
N SER A 221 -7.27 16.38 -7.82
CA SER A 221 -7.31 15.78 -6.50
C SER A 221 -7.57 14.29 -6.57
N LEU A 222 -8.52 13.84 -7.38
CA LEU A 222 -8.71 12.41 -7.47
C LEU A 222 -7.44 11.79 -8.01
N VAL A 223 -6.83 12.42 -8.99
CA VAL A 223 -5.59 11.89 -9.56
C VAL A 223 -4.46 11.91 -8.52
N LEU A 224 -4.30 13.02 -7.82
CA LEU A 224 -3.23 13.14 -6.85
C LEU A 224 -3.35 12.20 -5.64
N ARG A 225 -4.55 11.99 -5.14
CA ARG A 225 -4.75 10.99 -4.10
C ARG A 225 -4.44 9.63 -4.69
N ASN A 226 -5.12 9.29 -5.78
CA ASN A 226 -4.97 7.98 -6.44
C ASN A 226 -3.56 7.69 -6.86
N HIS A 227 -2.74 8.74 -6.92
CA HIS A 227 -1.29 8.61 -7.10
C HIS A 227 -0.62 8.37 -5.75
N HIS A 228 -0.76 9.35 -4.87
CA HIS A 228 -0.10 9.35 -3.60
C HIS A 228 -0.52 8.18 -2.73
N THR A 229 -1.75 7.70 -2.85
CA THR A 229 -2.10 6.43 -2.23
C THR A 229 -1.20 5.38 -2.84
N SER A 230 -1.25 5.25 -4.16
CA SER A 230 -0.44 4.23 -4.81
C SER A 230 1.05 4.27 -4.42
N TYR A 231 1.57 5.44 -4.03
CA TYR A 231 2.94 5.57 -3.51
C TYR A 231 3.09 4.90 -2.15
N LEU A 232 2.15 5.20 -1.26
CA LEU A 232 2.05 4.54 0.04
C LEU A 232 1.85 3.05 -0.09
N TYR A 233 0.97 2.62 -0.98
CA TYR A 233 0.90 1.20 -1.27
C TYR A 233 2.31 0.67 -1.48
N ASN A 234 3.08 1.34 -2.30
CA ASN A 234 4.41 0.86 -2.57
C ASN A 234 5.39 1.00 -1.39
N ILE A 235 5.24 2.05 -0.59
CA ILE A 235 5.98 2.17 0.68
C ILE A 235 5.69 0.97 1.56
N GLU A 236 4.43 0.63 1.72
CA GLU A 236 4.09 -0.47 2.64
C GLU A 236 4.67 -1.75 2.13
N SER A 237 4.57 -1.95 0.83
CA SER A 237 5.18 -3.11 0.24
C SER A 237 6.68 -3.17 0.56
N ARG A 238 7.34 -2.04 0.36
CA ARG A 238 8.75 -1.93 0.68
C ARG A 238 9.01 -2.12 2.18
N ARG A 239 8.24 -1.50 3.06
CA ARG A 239 8.38 -1.74 4.50
C ARG A 239 8.29 -3.21 4.84
N SER A 240 7.24 -3.87 4.34
CA SER A 240 6.94 -5.24 4.71
C SER A 240 7.99 -6.21 4.16
N GLN A 241 8.28 -6.19 2.85
CA GLN A 241 9.31 -7.11 2.31
C GLN A 241 10.66 -6.98 3.05
N MET A 242 11.05 -5.76 3.39
CA MET A 242 12.26 -5.52 4.18
C MET A 242 12.30 -6.34 5.44
N LEU A 243 11.20 -6.25 6.18
CA LEU A 243 10.94 -7.13 7.32
C LEU A 243 10.95 -8.59 6.88
N LEU A 244 10.10 -8.97 5.93
CA LEU A 244 9.91 -10.37 5.63
C LEU A 244 11.27 -10.99 5.42
N TRP A 245 12.09 -10.39 4.57
CA TRP A 245 13.34 -11.04 4.28
C TRP A 245 14.31 -10.94 5.45
N SER A 246 14.62 -9.74 5.93
CA SER A 246 15.48 -9.67 7.12
C SER A 246 15.12 -10.80 8.08
N ALA A 247 13.83 -10.97 8.35
CA ALA A 247 13.38 -12.02 9.24
C ALA A 247 13.96 -13.30 8.76
N ASN A 248 13.68 -13.65 7.53
CA ASN A 248 14.16 -14.91 6.95
C ASN A 248 15.67 -15.21 7.20
N LYS A 249 16.50 -14.24 6.89
CA LYS A 249 17.93 -14.35 7.13
C LYS A 249 18.22 -14.45 8.62
N VAL A 250 17.60 -13.60 9.42
CA VAL A 250 17.80 -13.73 10.87
C VAL A 250 17.51 -15.14 11.32
N PHE A 251 16.46 -15.73 10.79
CA PHE A 251 16.05 -17.05 11.21
C PHE A 251 16.64 -18.18 10.38
N GLU A 252 17.71 -17.91 9.66
CA GLU A 252 18.34 -18.94 8.83
C GLU A 252 19.27 -19.85 9.63
N GLU A 253 20.03 -19.26 10.52
CA GLU A 253 21.01 -19.98 11.27
C GLU A 253 21.45 -19.08 12.41
N LEU A 254 21.58 -19.64 13.61
CA LEU A 254 21.93 -18.81 14.72
C LEU A 254 23.28 -18.28 14.34
N THR A 255 23.48 -16.96 14.34
CA THR A 255 24.74 -16.34 13.85
C THR A 255 25.09 -15.12 14.68
N ASP A 256 26.26 -14.54 14.47
CA ASP A 256 26.66 -13.33 15.22
C ASP A 256 26.28 -12.00 14.55
N ILE A 257 26.39 -10.91 15.30
CA ILE A 257 25.84 -9.61 14.86
C ILE A 257 26.17 -9.19 13.43
N GLU A 258 27.47 -9.03 13.13
CA GLU A 258 27.96 -8.62 11.81
C GLU A 258 27.34 -9.50 10.76
N ARG A 259 27.54 -10.81 10.94
CA ARG A 259 27.02 -11.81 10.01
C ARG A 259 25.52 -11.69 9.85
N GLN A 260 24.81 -11.40 10.94
CA GLN A 260 23.37 -11.24 10.83
C GLN A 260 23.01 -9.95 10.09
N PHE A 261 23.65 -8.84 10.47
CA PHE A 261 23.38 -7.57 9.80
C PHE A 261 23.72 -7.67 8.33
N HIS A 262 24.97 -7.92 8.02
CA HIS A 262 25.32 -8.04 6.63
C HIS A 262 24.31 -8.94 5.86
N LYS A 263 24.08 -10.15 6.38
CA LYS A 263 23.09 -11.04 5.78
C LYS A 263 21.86 -10.24 5.41
N ALA A 264 21.26 -9.60 6.40
CA ALA A 264 19.98 -8.95 6.16
C ALA A 264 20.09 -7.73 5.26
N LEU A 265 20.80 -6.72 5.74
CA LEU A 265 21.04 -5.54 4.93
C LEU A 265 21.41 -5.83 3.47
N TYR A 266 22.21 -6.88 3.21
CA TYR A 266 22.51 -7.22 1.81
C TYR A 266 21.22 -7.57 1.07
N THR A 267 20.55 -8.65 1.45
CA THR A 267 19.28 -9.08 0.84
C THR A 267 18.24 -8.00 0.45
N ILE A 268 18.22 -6.90 1.17
CA ILE A 268 17.16 -5.94 1.00
C ILE A 268 17.65 -4.68 0.29
N ARG A 269 18.82 -4.73 -0.32
CA ARG A 269 19.40 -3.53 -0.94
C ARG A 269 18.49 -3.00 -2.01
N MET A 270 17.87 -3.90 -2.75
CA MET A 270 16.84 -3.51 -3.71
C MET A 270 15.75 -2.61 -3.08
N TYR A 271 15.31 -2.92 -1.87
CA TYR A 271 14.13 -2.29 -1.27
C TYR A 271 14.27 -0.84 -0.83
N LEU A 272 15.45 -0.40 -0.42
CA LEU A 272 15.61 0.99 -0.01
C LEU A 272 15.60 2.00 -1.16
N ASN A 273 15.82 1.56 -2.40
CA ASN A 273 16.01 2.48 -3.52
C ASN A 273 16.98 3.59 -3.18
N CYS A 274 18.08 3.22 -2.58
CA CYS A 274 19.06 4.16 -2.13
C CYS A 274 20.40 3.85 -2.84
N GLU A 275 21.22 4.86 -3.11
CA GLU A 275 22.45 4.71 -3.95
C GLU A 275 23.66 4.15 -3.19
N ARG A 276 23.72 4.43 -1.87
CA ARG A 276 24.79 4.03 -0.94
C ARG A 276 24.15 3.84 0.42
N TYR A 277 24.71 3.00 1.30
CA TYR A 277 24.48 3.14 2.77
C TYR A 277 25.50 2.40 3.58
N SER A 278 26.25 3.08 4.45
CA SER A 278 27.16 2.36 5.33
C SER A 278 26.51 2.14 6.69
N VAL A 279 26.74 0.96 7.25
CA VAL A 279 26.30 0.60 8.62
C VAL A 279 27.49 0.48 9.56
N GLY A 280 27.55 1.30 10.60
CA GLY A 280 28.69 1.26 11.54
C GLY A 280 28.35 0.68 12.90
N LEU A 281 29.17 -0.24 13.42
CA LEU A 281 28.90 -0.88 14.71
C LEU A 281 29.75 -0.22 15.73
N LEU A 282 29.11 0.24 16.81
CA LEU A 282 29.83 0.83 17.93
C LEU A 282 30.37 -0.26 18.83
N ASP A 283 31.45 0.09 19.55
CA ASP A 283 32.01 -0.80 20.55
C ASP A 283 31.07 -0.74 21.73
N MET A 284 31.02 -1.80 22.53
CA MET A 284 30.02 -1.86 23.57
C MET A 284 30.51 -2.42 24.90
N THR A 285 31.75 -2.08 25.22
CA THR A 285 32.39 -2.63 26.40
C THR A 285 32.57 -1.44 27.34
N PRO A 310 26.60 5.67 28.06
CA PRO A 310 26.14 4.82 26.93
C PRO A 310 26.02 5.56 25.57
N ASP A 311 26.78 6.65 25.42
CA ASP A 311 26.40 7.77 24.53
C ASP A 311 27.66 8.47 24.01
N GLY A 312 27.51 9.75 23.69
CA GLY A 312 28.58 10.73 23.55
C GLY A 312 30.03 10.33 23.73
N ARG A 313 30.80 10.47 22.65
CA ARG A 313 32.26 10.52 22.60
C ARG A 313 33.06 9.26 23.04
N GLU A 314 32.52 8.44 23.95
CA GLU A 314 33.07 7.10 24.34
C GLU A 314 32.78 6.10 23.27
N VAL A 315 32.93 6.50 22.00
CA VAL A 315 32.11 5.99 20.90
C VAL A 315 32.68 4.69 20.36
N ASN A 316 33.69 4.87 19.50
CA ASN A 316 34.36 3.78 18.80
C ASN A 316 33.50 2.92 17.85
N PHE A 317 33.54 3.23 16.56
CA PHE A 317 33.00 2.32 15.56
C PHE A 317 34.00 1.18 15.25
N TYR A 318 33.72 -0.03 15.75
CA TYR A 318 34.71 -1.11 15.60
C TYR A 318 34.76 -1.64 14.19
N LYS A 319 33.66 -2.18 13.67
CA LYS A 319 33.57 -2.44 12.24
C LYS A 319 32.82 -1.29 11.58
N ILE A 320 32.80 -1.29 10.26
CA ILE A 320 31.80 -0.56 9.49
C ILE A 320 31.59 -1.45 8.26
N ILE A 321 30.59 -1.20 7.44
CA ILE A 321 30.31 -2.13 6.34
C ILE A 321 29.49 -1.45 5.22
N ASP A 322 30.17 -1.12 4.13
CA ASP A 322 29.63 -0.24 3.10
C ASP A 322 28.85 -1.02 2.09
N TYR A 323 27.74 -0.43 1.67
CA TYR A 323 26.90 -0.95 0.60
C TYR A 323 26.90 0.03 -0.59
N ILE A 324 27.69 -0.26 -1.61
CA ILE A 324 27.69 0.58 -2.80
C ILE A 324 26.89 -0.01 -3.97
N LEU A 325 25.82 0.67 -4.34
CA LEU A 325 24.91 0.17 -5.35
C LEU A 325 24.80 1.18 -6.50
N HIS A 326 25.80 2.07 -6.57
CA HIS A 326 25.99 3.00 -7.68
C HIS A 326 27.06 2.50 -8.66
N GLY A 327 26.65 2.27 -9.89
CA GLY A 327 27.61 1.83 -10.88
C GLY A 327 28.03 0.43 -10.55
N LYS A 328 29.34 0.17 -10.60
CA LYS A 328 29.82 -1.17 -10.26
C LYS A 328 29.64 -1.37 -8.77
N GLU A 329 28.81 -2.35 -8.45
CA GLU A 329 28.45 -2.64 -7.08
C GLU A 329 29.66 -3.22 -6.39
N GLU A 330 30.04 -2.64 -5.26
CA GLU A 330 31.09 -3.21 -4.43
C GLU A 330 30.68 -3.03 -3.00
N ILE A 331 30.94 -4.06 -2.20
CA ILE A 331 30.60 -4.12 -0.78
C ILE A 331 31.86 -4.29 0.04
N LYS A 332 32.30 -3.23 0.70
CA LYS A 332 33.53 -3.27 1.52
C LYS A 332 33.16 -3.53 2.97
N VAL A 333 34.15 -3.96 3.73
CA VAL A 333 33.95 -4.47 5.09
C VAL A 333 35.17 -3.96 5.81
N ILE A 334 34.99 -2.97 6.66
CA ILE A 334 36.12 -2.17 7.07
C ILE A 334 36.31 -2.20 8.58
N PRO A 335 37.22 -3.08 9.04
CA PRO A 335 37.48 -3.16 10.47
C PRO A 335 38.33 -2.01 10.97
N THR A 336 38.11 -1.68 12.22
CA THR A 336 38.69 -0.49 12.87
C THR A 336 38.82 0.68 11.90
N PRO A 337 37.72 0.98 11.20
CA PRO A 337 37.73 1.97 10.15
C PRO A 337 38.31 3.29 10.60
N PRO A 338 38.95 4.02 9.69
CA PRO A 338 39.57 5.31 10.01
C PRO A 338 38.63 6.30 10.70
N ALA A 339 38.92 7.59 10.53
CA ALA A 339 37.96 8.69 10.65
C ALA A 339 37.68 9.23 9.28
N ASP A 340 38.70 9.29 8.41
CA ASP A 340 38.52 9.75 7.03
C ASP A 340 37.65 8.82 6.17
N HIS A 341 37.09 7.77 6.76
CA HIS A 341 36.10 6.97 6.05
C HIS A 341 35.06 7.85 5.41
N TRP A 342 34.72 7.55 4.16
CA TRP A 342 33.81 8.40 3.39
C TRP A 342 32.50 8.71 4.14
N CYS A 343 31.93 7.74 4.81
CA CYS A 343 30.73 8.04 5.58
C CYS A 343 31.04 8.86 6.84
N LEU A 344 32.05 8.44 7.59
CA LEU A 344 32.32 9.02 8.91
C LEU A 344 32.94 10.42 8.89
N ILE A 345 33.53 10.85 7.78
CA ILE A 345 34.11 12.19 7.73
C ILE A 345 33.04 13.22 8.04
N SER A 346 31.91 13.07 7.36
CA SER A 346 30.71 13.90 7.55
C SER A 346 30.52 14.40 8.98
N GLY A 347 30.72 13.49 9.95
CA GLY A 347 30.49 13.75 11.34
C GLY A 347 29.10 13.30 11.81
N LEU A 348 28.18 13.14 10.84
CA LEU A 348 26.83 12.69 11.15
C LEU A 348 26.83 11.39 11.94
N PRO A 349 27.34 10.29 11.37
CA PRO A 349 27.09 9.00 12.01
C PRO A 349 27.52 9.01 13.43
N THR A 350 28.56 9.78 13.72
CA THR A 350 28.98 9.98 15.12
C THR A 350 27.98 10.79 15.90
N TYR A 351 27.53 11.88 15.31
CA TYR A 351 26.55 12.77 15.97
C TYR A 351 25.31 11.98 16.36
N VAL A 352 24.70 11.35 15.38
CA VAL A 352 23.60 10.44 15.69
C VAL A 352 24.02 9.38 16.69
N ALA A 353 25.28 8.98 16.67
CA ALA A 353 25.79 8.09 17.74
C ALA A 353 25.67 8.72 19.12
N GLU A 354 25.87 10.04 19.25
CA GLU A 354 25.85 10.66 20.60
C GLU A 354 24.46 11.02 21.09
N ASN A 355 23.53 11.28 20.18
CA ASN A 355 22.12 11.48 20.55
C ASN A 355 21.31 10.50 19.73
N GLY A 356 20.20 10.00 20.26
CA GLY A 356 19.52 8.88 19.59
C GLY A 356 18.48 9.27 18.56
N PHE A 357 18.77 10.27 17.73
CA PHE A 357 17.72 10.94 16.98
C PHE A 357 17.98 10.97 15.48
N ILE A 358 16.94 10.64 14.71
CA ILE A 358 16.99 10.51 13.23
C ILE A 358 17.31 11.85 12.58
N CYS A 359 18.05 11.82 11.46
CA CYS A 359 18.52 13.03 10.79
C CYS A 359 18.53 12.91 9.27
N ASN A 360 17.58 13.57 8.66
CA ASN A 360 17.33 13.53 7.23
C ASN A 360 17.81 14.84 6.62
N MET A 361 18.76 14.77 5.68
CA MET A 361 19.33 15.96 5.04
C MET A 361 18.94 16.19 3.56
N MET A 362 19.60 17.22 3.02
CA MET A 362 19.31 18.02 1.81
C MET A 362 20.17 19.20 2.24
N ASN A 363 21.38 19.47 1.76
CA ASN A 363 22.18 18.82 0.76
C ASN A 363 23.52 18.30 1.39
N ALA A 364 24.59 18.19 0.58
CA ALA A 364 25.97 18.15 1.06
C ALA A 364 26.24 19.11 2.23
N PRO A 365 26.33 20.44 1.95
CA PRO A 365 27.06 21.48 2.72
C PRO A 365 26.59 21.79 4.17
N ALA A 366 25.28 21.80 4.42
CA ALA A 366 24.73 21.99 5.79
C ALA A 366 25.69 22.54 6.88
N ASP A 367 26.28 23.72 6.64
CA ASP A 367 27.12 24.45 7.60
C ASP A 367 27.81 23.51 8.58
N GLU A 368 27.17 23.21 9.73
CA GLU A 368 27.82 22.57 10.89
C GLU A 368 28.84 21.45 10.58
N TYR A 369 28.47 20.57 9.64
CA TYR A 369 29.27 19.40 9.28
C TYR A 369 30.25 19.65 8.15
N PHE A 370 31.36 18.90 8.16
CA PHE A 370 32.11 18.66 6.96
C PHE A 370 31.59 17.36 6.37
N THR A 371 30.60 17.51 5.49
CA THR A 371 30.11 16.44 4.59
C THR A 371 30.75 16.68 3.17
N PHE A 372 31.26 15.62 2.54
CA PHE A 372 32.01 15.73 1.28
C PHE A 372 31.36 16.58 0.19
N GLN A 373 32.03 17.66 -0.16
CA GLN A 373 31.45 18.71 -1.05
C GLN A 373 31.94 18.43 -2.48
N LYS A 374 33.22 18.11 -2.56
CA LYS A 374 33.80 17.30 -3.62
C LYS A 374 32.84 16.62 -4.65
N GLY A 375 33.22 16.70 -5.92
CA GLY A 375 32.74 15.80 -6.96
C GLY A 375 33.23 14.39 -6.73
N PRO A 376 34.30 14.24 -5.91
CA PRO A 376 34.58 13.01 -5.16
C PRO A 376 33.35 12.58 -4.36
N VAL A 377 33.44 11.61 -3.46
CA VAL A 377 34.70 11.18 -2.82
C VAL A 377 35.49 10.16 -3.63
N ASP A 378 34.85 9.53 -4.60
CA ASP A 378 35.47 8.44 -5.33
C ASP A 378 36.35 8.85 -6.48
N GLU A 379 37.14 7.89 -6.95
CA GLU A 379 37.60 7.94 -8.31
C GLU A 379 36.32 8.06 -9.14
N THR A 380 35.37 7.18 -8.85
CA THR A 380 34.10 7.10 -9.58
C THR A 380 33.31 8.38 -9.67
N GLY A 381 33.71 9.41 -8.94
CA GLY A 381 33.14 10.74 -9.12
C GLY A 381 31.68 10.88 -8.70
N TRP A 382 31.22 9.93 -7.89
CA TRP A 382 29.89 9.95 -7.27
C TRP A 382 29.78 11.14 -6.30
N VAL A 383 28.62 11.80 -6.25
CA VAL A 383 28.45 13.04 -5.44
C VAL A 383 27.28 13.01 -4.46
N ILE A 384 27.55 13.35 -3.20
CA ILE A 384 26.50 13.32 -2.20
C ILE A 384 25.55 14.50 -2.29
N LYS A 385 24.26 14.19 -2.35
CA LYS A 385 23.25 15.22 -2.30
C LYS A 385 22.52 15.10 -0.98
N ASN A 386 21.89 13.95 -0.78
CA ASN A 386 20.99 13.74 0.34
C ASN A 386 21.41 12.59 1.21
N VAL A 387 21.32 12.81 2.52
CA VAL A 387 21.75 11.83 3.49
C VAL A 387 20.66 11.65 4.52
N LEU A 388 20.34 10.41 4.87
CA LEU A 388 19.45 10.10 5.98
C LEU A 388 20.14 9.13 6.90
N SER A 389 20.21 9.46 8.19
CA SER A 389 20.93 8.67 9.21
C SER A 389 20.04 8.33 10.41
N LEU A 390 20.00 7.06 10.83
CA LEU A 390 19.26 6.67 12.05
C LEU A 390 20.11 5.69 12.87
N PRO A 391 19.76 5.45 14.14
CA PRO A 391 20.50 4.49 14.96
C PRO A 391 19.74 3.20 15.13
N ILE A 392 20.47 2.14 15.46
CA ILE A 392 19.92 0.83 15.64
C ILE A 392 20.08 0.53 17.08
N VAL A 393 18.98 0.14 17.73
CA VAL A 393 18.98 0.10 19.18
C VAL A 393 18.67 -1.25 19.80
N ASN A 394 19.58 -1.59 20.70
CA ASN A 394 19.46 -2.60 21.71
C ASN A 394 18.02 -2.97 22.18
N LYS A 395 17.91 -3.47 23.41
CA LYS A 395 16.63 -3.60 24.07
C LYS A 395 16.69 -2.83 25.36
N LYS A 396 17.78 -2.95 26.09
CA LYS A 396 18.04 -1.97 27.12
C LYS A 396 18.28 -0.59 26.49
N GLU A 397 18.62 -0.57 25.21
CA GLU A 397 18.61 0.66 24.40
C GLU A 397 19.87 1.53 24.40
N GLU A 398 21.06 0.94 24.34
CA GLU A 398 22.22 1.72 23.90
C GLU A 398 22.05 1.81 22.38
N ILE A 399 22.63 2.84 21.83
CA ILE A 399 22.86 2.88 20.42
C ILE A 399 23.88 1.77 20.16
N VAL A 400 23.47 0.76 19.41
CA VAL A 400 24.35 -0.36 19.04
C VAL A 400 25.09 -0.10 17.73
N GLY A 401 24.38 0.48 16.77
CA GLY A 401 24.94 0.83 15.47
C GLY A 401 24.35 2.13 14.94
N VAL A 402 24.81 2.57 13.77
CA VAL A 402 24.32 3.78 13.13
C VAL A 402 24.25 3.63 11.59
N ALA A 403 23.06 3.31 11.10
CA ALA A 403 22.88 3.19 9.67
C ALA A 403 22.76 4.60 9.07
N THR A 404 23.18 4.73 7.82
CA THR A 404 23.19 5.99 7.12
C THR A 404 23.11 5.77 5.62
N PHE A 405 22.16 6.46 5.00
CA PHE A 405 21.69 6.16 3.66
C PHE A 405 21.80 7.43 2.84
N TYR A 406 22.08 7.23 1.57
CA TYR A 406 22.64 8.28 0.75
C TYR A 406 21.98 8.24 -0.61
N ASN A 407 21.45 9.40 -1.03
CA ASN A 407 20.87 9.61 -2.37
C ASN A 407 19.80 8.64 -2.85
N ARG A 408 18.57 9.09 -2.90
CA ARG A 408 17.53 8.24 -3.38
C ARG A 408 17.74 8.08 -4.86
N LYS A 409 18.09 6.86 -5.25
CA LYS A 409 17.90 6.40 -6.63
C LYS A 409 16.53 6.87 -6.95
N ASP A 410 16.43 7.60 -8.06
CA ASP A 410 15.22 8.37 -8.41
C ASP A 410 15.08 9.61 -7.53
N GLY A 411 16.20 10.32 -7.47
CA GLY A 411 16.27 11.78 -7.58
C GLY A 411 15.93 12.67 -6.41
N LYS A 412 14.91 12.27 -5.65
CA LYS A 412 14.23 13.17 -4.74
C LYS A 412 14.83 12.99 -3.36
N PRO A 413 14.71 14.00 -2.48
CA PRO A 413 15.04 13.89 -1.05
C PRO A 413 14.33 12.80 -0.28
N PHE A 414 14.97 12.34 0.81
CA PHE A 414 14.31 11.38 1.73
C PHE A 414 13.23 12.19 2.37
N ASP A 415 12.15 11.52 2.75
CA ASP A 415 10.95 12.21 3.17
C ASP A 415 10.46 11.59 4.47
N GLU A 416 9.17 11.67 4.71
CA GLU A 416 8.60 11.16 5.90
C GLU A 416 8.48 9.67 5.76
N TYR A 417 7.98 9.23 4.60
CA TYR A 417 7.71 7.80 4.39
C TYR A 417 8.95 6.96 4.31
N ASP A 418 10.08 7.58 4.01
CA ASP A 418 11.32 6.85 4.05
C ASP A 418 11.63 6.66 5.51
N GLU A 419 11.75 7.78 6.21
CA GLU A 419 11.87 7.75 7.67
C GLU A 419 11.04 6.59 8.29
N GLN A 420 9.76 6.53 7.92
CA GLN A 420 8.91 5.46 8.42
C GLN A 420 9.42 4.03 8.22
N ILE A 421 9.65 3.65 6.97
CA ILE A 421 9.99 2.25 6.69
C ILE A 421 11.44 1.91 7.05
N ILE A 422 12.31 2.91 7.07
CA ILE A 422 13.71 2.67 7.38
C ILE A 422 13.88 2.58 8.88
N GLU A 423 13.16 3.41 9.62
CA GLU A 423 13.11 3.23 11.05
C GLU A 423 12.53 1.85 11.31
N THR A 424 11.51 1.47 10.57
CA THR A 424 10.95 0.13 10.74
C THR A 424 12.12 -0.84 10.68
N LEU A 425 12.81 -0.84 9.56
CA LEU A 425 13.94 -1.72 9.41
C LEU A 425 14.92 -1.58 10.57
N THR A 426 15.37 -0.36 10.82
CA THR A 426 16.33 -0.09 11.89
C THR A 426 15.86 -0.65 13.24
N GLN A 427 14.57 -0.57 13.55
CA GLN A 427 14.00 -1.05 14.85
C GLN A 427 14.14 -2.53 15.04
N PHE A 428 13.66 -3.24 14.02
CA PHE A 428 13.76 -4.68 13.83
C PHE A 428 15.16 -5.25 14.07
N LEU A 429 16.13 -4.59 13.47
CA LEU A 429 17.51 -4.98 13.61
C LEU A 429 17.90 -4.87 15.07
N GLY A 430 17.51 -3.74 15.67
CA GLY A 430 17.67 -3.57 17.10
C GLY A 430 17.11 -4.74 17.90
N TRP A 431 15.93 -5.21 17.50
CA TRP A 431 15.27 -6.25 18.25
C TRP A 431 15.92 -7.56 18.03
N SER A 432 16.39 -7.81 16.81
CA SER A 432 17.04 -9.08 16.52
C SER A 432 18.35 -9.34 17.31
N VAL A 433 18.90 -8.31 17.97
CA VAL A 433 20.13 -8.48 18.72
C VAL A 433 20.03 -9.55 19.84
N LEU A 434 18.80 -9.89 20.22
CA LEU A 434 18.52 -11.07 21.03
C LEU A 434 19.31 -12.19 20.44
N ASN A 435 18.99 -12.53 19.20
CA ASN A 435 19.56 -13.70 18.58
C ASN A 435 21.10 -13.69 18.53
N THR A 436 21.70 -12.51 18.51
CA THR A 436 23.16 -12.43 18.55
C THR A 436 23.64 -12.66 19.96
N ASP A 437 23.09 -11.95 20.92
CA ASP A 437 23.49 -12.23 22.29
C ASP A 437 23.24 -13.71 22.53
N THR A 438 22.13 -14.24 22.05
CA THR A 438 21.80 -15.62 22.38
C THR A 438 22.87 -16.54 21.85
N TYR A 439 23.26 -16.33 20.62
CA TYR A 439 24.37 -17.07 20.01
C TYR A 439 25.63 -17.06 20.83
N ASP A 440 26.06 -15.88 21.31
CA ASP A 440 27.26 -15.79 22.17
C ASP A 440 27.10 -16.73 23.36
N LYS A 441 26.04 -16.50 24.14
CA LYS A 441 25.72 -17.31 25.31
C LYS A 441 25.75 -18.78 24.94
N MET A 442 25.17 -19.10 23.79
CA MET A 442 25.17 -20.46 23.34
C MET A 442 26.61 -20.95 23.15
N ASN A 443 27.46 -20.15 22.53
CA ASN A 443 28.86 -20.58 22.29
C ASN A 443 29.59 -20.82 23.61
N LYS A 444 29.36 -19.95 24.59
CA LYS A 444 29.90 -20.14 25.93
C LYS A 444 29.22 -21.29 26.68
N LEU A 445 28.53 -22.19 25.99
CA LEU A 445 28.00 -23.41 26.62
C LEU A 445 28.53 -24.65 25.94
N GLU A 446 28.32 -24.76 24.62
CA GLU A 446 29.01 -25.77 23.83
C GLU A 446 30.50 -25.75 24.18
N ASN A 447 30.94 -24.67 24.86
CA ASN A 447 32.29 -24.56 25.46
C ASN A 447 32.38 -24.65 27.01
N ARG A 448 31.70 -23.75 27.74
CA ARG A 448 31.78 -23.73 29.22
C ARG A 448 30.96 -24.87 29.89
N LYS A 449 30.59 -25.88 29.11
CA LYS A 449 30.26 -27.23 29.60
C LYS A 449 31.40 -28.21 29.33
N ASP A 450 32.08 -28.01 28.20
CA ASP A 450 33.21 -28.87 27.80
C ASP A 450 34.52 -28.61 28.60
N ILE A 451 34.50 -27.67 29.55
CA ILE A 451 35.56 -27.57 30.56
C ILE A 451 35.29 -28.54 31.72
N ALA A 452 34.01 -28.72 32.08
CA ALA A 452 33.61 -29.83 32.95
C ALA A 452 33.69 -31.14 32.15
N GLN A 453 32.67 -31.49 31.34
CA GLN A 453 32.72 -32.71 30.52
C GLN A 453 34.05 -32.75 29.74
N ARG B 55 -24.93 14.62 -26.10
CA ARG B 55 -25.08 15.97 -26.74
C ARG B 55 -24.73 17.13 -25.78
N LEU B 56 -25.72 17.50 -24.94
CA LEU B 56 -25.69 18.72 -24.12
C LEU B 56 -25.36 18.44 -22.64
N GLU B 57 -26.31 17.88 -21.88
CA GLU B 57 -26.06 17.57 -20.47
C GLU B 57 -25.47 16.18 -20.33
N GLU B 58 -24.20 16.09 -20.66
CA GLU B 58 -23.41 14.91 -20.41
C GLU B 58 -22.69 15.15 -19.08
N CYS B 59 -21.72 16.06 -19.12
CA CYS B 59 -20.70 16.19 -18.08
C CYS B 59 -21.28 16.51 -16.70
N ASN B 60 -21.67 17.77 -16.48
CA ASN B 60 -22.43 18.22 -15.28
C ASN B 60 -22.44 17.25 -14.08
N ILE B 61 -23.05 16.07 -14.24
CA ILE B 61 -23.09 15.02 -13.21
C ILE B 61 -21.71 14.43 -12.87
N LEU B 62 -20.78 14.48 -13.80
CA LEU B 62 -19.43 14.05 -13.53
C LEU B 62 -18.76 14.99 -12.53
N PHE B 63 -18.84 16.30 -12.79
CA PHE B 63 -18.28 17.30 -11.87
C PHE B 63 -18.95 17.24 -10.50
N GLU B 64 -20.27 17.12 -10.50
CA GLU B 64 -21.02 16.85 -9.30
C GLU B 64 -20.30 15.72 -8.58
N LEU B 65 -20.19 14.58 -9.24
CA LEU B 65 -19.64 13.38 -8.64
C LEU B 65 -18.18 13.52 -8.22
N LEU B 66 -17.47 14.43 -8.88
CA LEU B 66 -16.09 14.71 -8.51
C LEU B 66 -15.95 15.33 -7.14
N THR B 67 -16.95 16.12 -6.74
CA THR B 67 -17.08 16.56 -5.36
C THR B 67 -17.38 15.36 -4.45
N GLU B 68 -18.24 14.47 -4.92
CA GLU B 68 -18.67 13.33 -4.13
C GLU B 68 -17.54 12.35 -3.84
N ILE B 69 -16.49 12.39 -4.67
CA ILE B 69 -15.25 11.73 -4.35
C ILE B 69 -14.45 12.66 -3.47
N GLN B 70 -14.34 13.93 -3.88
CA GLN B 70 -13.56 14.91 -3.14
C GLN B 70 -13.73 14.70 -1.65
N ASP B 71 -14.97 14.41 -1.23
CA ASP B 71 -15.26 14.21 0.18
C ASP B 71 -15.13 12.71 0.50
N GLU B 72 -14.04 12.35 1.17
CA GLU B 72 -13.64 10.94 1.40
C GLU B 72 -14.75 10.11 2.05
N ALA B 73 -15.75 10.81 2.58
CA ALA B 73 -16.99 10.23 3.11
C ALA B 73 -17.64 9.25 2.14
N GLY B 74 -17.73 9.63 0.87
CA GLY B 74 -18.43 8.82 -0.13
C GLY B 74 -18.13 7.34 -0.10
N SER B 75 -19.17 6.55 -0.33
CA SER B 75 -19.02 5.15 -0.75
C SER B 75 -18.58 5.09 -2.21
N MET B 76 -17.99 3.97 -2.61
CA MET B 76 -17.67 3.73 -4.04
C MET B 76 -18.88 3.27 -4.81
N GLU B 77 -19.60 2.33 -4.24
CA GLU B 77 -20.66 1.66 -4.97
C GLU B 77 -21.78 2.62 -5.28
N LYS B 78 -22.12 3.49 -4.32
CA LYS B 78 -23.14 4.50 -4.57
C LYS B 78 -22.77 5.43 -5.74
N ILE B 79 -21.50 5.81 -5.86
CA ILE B 79 -21.00 6.58 -7.02
C ILE B 79 -20.98 5.80 -8.36
N VAL B 80 -20.69 4.51 -8.30
CA VAL B 80 -20.77 3.71 -9.51
C VAL B 80 -22.20 3.45 -9.92
N HIS B 81 -23.06 3.26 -8.93
CA HIS B 81 -24.49 3.09 -9.18
C HIS B 81 -25.12 4.33 -9.84
N LYS B 82 -24.77 5.51 -9.32
CA LYS B 82 -25.25 6.78 -9.90
C LYS B 82 -24.79 6.94 -11.33
N THR B 83 -23.55 6.55 -11.60
CA THR B 83 -23.01 6.69 -12.94
C THR B 83 -23.74 5.71 -13.85
N LEU B 84 -23.92 4.48 -13.39
CA LEU B 84 -24.69 3.51 -14.17
C LEU B 84 -26.14 3.95 -14.41
N GLN B 85 -26.69 4.81 -13.56
CA GLN B 85 -27.99 5.41 -13.82
C GLN B 85 -27.95 6.18 -15.14
N ARG B 86 -27.44 7.42 -15.14
CA ARG B 86 -27.46 8.19 -16.40
C ARG B 86 -26.91 7.42 -17.60
N LEU B 87 -25.97 6.51 -17.41
CA LEU B 87 -25.45 5.72 -18.51
C LEU B 87 -26.44 4.65 -18.99
N SER B 88 -27.61 4.57 -18.36
CA SER B 88 -28.70 3.70 -18.83
C SER B 88 -29.79 4.56 -19.43
N GLN B 89 -30.12 5.64 -18.73
CA GLN B 89 -30.99 6.70 -19.25
C GLN B 89 -30.36 7.19 -20.52
N LEU B 90 -29.23 7.87 -20.38
CA LEU B 90 -28.59 8.57 -21.47
C LEU B 90 -28.14 7.63 -22.60
N LEU B 91 -28.25 6.33 -22.38
CA LEU B 91 -27.83 5.36 -23.39
C LEU B 91 -29.01 4.61 -23.97
N ALA B 92 -30.22 4.91 -23.48
CA ALA B 92 -31.41 4.18 -23.85
C ALA B 92 -31.12 2.67 -23.86
N ARG B 93 -30.75 2.18 -22.68
CA ARG B 93 -30.60 0.75 -22.43
C ARG B 93 -31.32 0.41 -21.12
N ASP B 94 -31.94 -0.77 -21.12
CA ASP B 94 -32.96 -1.11 -20.15
C ASP B 94 -32.50 -1.02 -18.68
N ARG B 95 -31.38 -1.67 -18.40
CA ARG B 95 -30.74 -1.64 -17.07
C ARG B 95 -29.26 -1.97 -17.23
N CYS B 96 -28.44 -1.36 -16.38
CA CYS B 96 -27.00 -1.72 -16.30
C CYS B 96 -26.74 -2.63 -15.10
N SER B 97 -25.53 -3.20 -15.02
CA SER B 97 -25.15 -4.00 -13.84
C SER B 97 -23.64 -4.26 -13.77
N MET B 98 -23.17 -4.55 -12.56
CA MET B 98 -21.74 -4.66 -12.27
C MET B 98 -21.35 -5.99 -11.65
N PHE B 99 -20.27 -6.55 -12.16
CA PHE B 99 -19.78 -7.78 -11.63
C PHE B 99 -18.42 -7.53 -11.04
N ILE B 100 -18.29 -7.91 -9.77
CA ILE B 100 -17.03 -7.79 -9.05
C ILE B 100 -16.20 -9.05 -9.28
N CYS B 101 -14.91 -8.84 -9.42
CA CYS B 101 -14.01 -9.87 -9.82
C CYS B 101 -12.93 -10.04 -8.77
N ARG B 102 -12.76 -11.27 -8.29
CA ARG B 102 -11.78 -11.60 -7.27
C ARG B 102 -11.07 -12.86 -7.68
N SER B 103 -10.13 -13.31 -6.85
CA SER B 103 -9.32 -14.49 -7.19
C SER B 103 -8.97 -15.29 -5.92
N ARG B 104 -9.90 -16.14 -5.51
CA ARG B 104 -9.69 -17.08 -4.43
C ARG B 104 -9.05 -18.33 -4.94
N ASN B 105 -8.26 -18.97 -4.09
CA ASN B 105 -7.43 -20.12 -4.49
C ASN B 105 -6.62 -19.65 -5.69
N GLY B 106 -6.03 -20.56 -6.44
CA GLY B 106 -5.40 -20.15 -7.72
C GLY B 106 -6.38 -19.47 -8.70
N ILE B 107 -7.61 -19.95 -8.66
CA ILE B 107 -8.65 -19.57 -9.58
C ILE B 107 -9.14 -18.14 -9.36
N PRO B 108 -9.75 -17.55 -10.40
CA PRO B 108 -10.52 -16.35 -10.30
C PRO B 108 -11.95 -16.62 -10.63
N GLU B 109 -12.78 -15.66 -10.27
CA GLU B 109 -14.22 -15.80 -10.36
C GLU B 109 -14.83 -14.41 -10.34
N VAL B 110 -16.15 -14.37 -10.50
CA VAL B 110 -16.95 -13.12 -10.56
C VAL B 110 -18.21 -13.24 -9.75
N ALA B 111 -18.76 -12.10 -9.37
CA ALA B 111 -19.96 -12.15 -8.60
C ALA B 111 -20.84 -10.95 -8.87
N THR B 112 -22.12 -11.10 -8.57
CA THR B 112 -23.01 -9.96 -8.50
C THR B 112 -22.44 -8.89 -7.59
N ARG B 113 -22.77 -7.65 -7.89
CA ARG B 113 -22.53 -6.59 -6.92
C ARG B 113 -23.63 -5.48 -7.02
N LEU B 114 -23.70 -4.76 -8.13
CA LEU B 114 -24.87 -3.94 -8.44
C LEU B 114 -25.75 -4.70 -9.44
N LEU B 115 -27.04 -4.42 -9.43
CA LEU B 115 -27.95 -5.09 -10.36
C LEU B 115 -29.13 -4.26 -10.83
N ASN B 116 -29.43 -4.39 -12.12
CA ASN B 116 -30.64 -3.83 -12.70
C ASN B 116 -30.74 -2.32 -12.44
N VAL B 117 -29.68 -1.58 -12.77
CA VAL B 117 -29.69 -0.10 -12.61
C VAL B 117 -30.51 0.59 -13.70
N THR B 118 -31.74 0.90 -13.31
CA THR B 118 -32.59 1.77 -14.06
C THR B 118 -32.27 3.16 -13.54
N PRO B 119 -32.40 4.18 -14.39
CA PRO B 119 -32.17 5.55 -13.92
C PRO B 119 -32.95 5.88 -12.66
N THR B 120 -34.12 5.27 -12.50
CA THR B 120 -35.00 5.54 -11.37
C THR B 120 -34.53 4.80 -10.13
N SER B 121 -34.32 3.50 -10.25
CA SER B 121 -34.08 2.63 -9.09
C SER B 121 -33.14 3.24 -8.05
N LYS B 122 -33.45 3.05 -6.78
CA LYS B 122 -32.60 3.52 -5.71
C LYS B 122 -31.46 2.52 -5.56
N PHE B 123 -30.27 3.01 -5.24
CA PHE B 123 -29.12 2.14 -4.97
C PHE B 123 -29.49 1.01 -3.99
N GLU B 124 -30.19 1.40 -2.93
CA GLU B 124 -30.43 0.52 -1.81
C GLU B 124 -31.15 -0.74 -2.31
N ASP B 125 -31.91 -0.60 -3.39
CA ASP B 125 -32.38 -1.76 -4.15
C ASP B 125 -31.20 -2.41 -4.84
N ASN B 126 -30.51 -1.61 -5.65
CA ASN B 126 -29.50 -2.09 -6.59
C ASN B 126 -28.34 -2.92 -6.03
N LEU B 127 -27.93 -2.66 -4.78
CA LEU B 127 -26.76 -3.39 -4.27
C LEU B 127 -27.07 -4.85 -3.89
N VAL B 128 -26.13 -5.72 -4.22
CA VAL B 128 -26.17 -7.10 -3.78
C VAL B 128 -25.28 -7.28 -2.56
N ASN B 129 -25.91 -7.60 -1.44
CA ASN B 129 -25.16 -7.90 -0.25
C ASN B 129 -24.47 -9.21 -0.52
N PRO B 130 -23.36 -9.49 0.19
CA PRO B 130 -22.42 -10.56 -0.18
C PRO B 130 -22.98 -11.97 0.05
N ASP B 131 -23.72 -12.15 1.13
CA ASP B 131 -24.54 -13.34 1.32
C ASP B 131 -25.28 -13.73 0.02
N LYS B 132 -26.12 -12.82 -0.47
CA LYS B 132 -26.98 -13.06 -1.65
C LYS B 132 -26.27 -12.92 -2.99
N GLU B 133 -24.95 -12.85 -2.99
CA GLU B 133 -24.23 -12.71 -4.25
C GLU B 133 -24.28 -14.04 -4.99
N THR B 134 -24.02 -13.98 -6.29
CA THR B 134 -24.08 -15.12 -7.20
C THR B 134 -22.75 -15.18 -7.96
N VAL B 135 -22.15 -16.36 -8.06
CA VAL B 135 -20.73 -16.48 -8.40
C VAL B 135 -20.44 -17.42 -9.59
N PHE B 136 -19.83 -16.88 -10.65
CA PHE B 136 -19.48 -17.71 -11.80
C PHE B 136 -17.98 -17.82 -11.98
N PRO B 137 -17.52 -18.97 -12.47
CA PRO B 137 -16.15 -19.04 -12.95
C PRO B 137 -16.10 -18.41 -14.32
N LEU B 138 -14.90 -18.12 -14.81
CA LEU B 138 -14.78 -17.32 -16.03
C LEU B 138 -15.30 -18.07 -17.25
N ASP B 139 -15.20 -19.40 -17.20
CA ASP B 139 -15.65 -20.24 -18.29
C ASP B 139 -17.18 -20.37 -18.35
N ILE B 140 -17.91 -19.46 -17.72
CA ILE B 140 -19.38 -19.54 -17.67
C ILE B 140 -20.03 -18.16 -17.48
N GLY B 141 -20.97 -17.82 -18.35
CA GLY B 141 -21.50 -16.47 -18.42
C GLY B 141 -20.63 -15.56 -19.28
N ILE B 142 -21.23 -14.46 -19.72
CA ILE B 142 -20.51 -13.52 -20.57
C ILE B 142 -19.42 -12.79 -19.80
N ALA B 143 -19.82 -12.21 -18.66
CA ALA B 143 -18.92 -11.48 -17.76
C ALA B 143 -17.62 -12.22 -17.46
N GLY B 144 -17.75 -13.51 -17.16
CA GLY B 144 -16.59 -14.37 -17.02
C GLY B 144 -15.69 -14.28 -18.22
N TRP B 145 -16.28 -14.38 -19.40
CA TRP B 145 -15.51 -14.34 -20.65
C TRP B 145 -14.89 -12.94 -20.82
N VAL B 146 -15.69 -11.91 -20.57
CA VAL B 146 -15.22 -10.53 -20.65
C VAL B 146 -13.97 -10.40 -19.81
N ALA B 147 -14.00 -11.02 -18.64
CA ALA B 147 -12.92 -10.96 -17.66
C ALA B 147 -11.72 -11.79 -18.04
N HIS B 148 -11.93 -12.93 -18.69
CA HIS B 148 -10.79 -13.69 -19.23
C HIS B 148 -10.06 -12.92 -20.35
N THR B 149 -10.88 -12.37 -21.24
CA THR B 149 -10.44 -11.76 -22.47
C THR B 149 -9.85 -10.35 -22.29
N LYS B 150 -10.32 -9.66 -21.25
CA LYS B 150 -9.93 -8.28 -20.96
C LYS B 150 -10.30 -7.34 -22.12
N LYS B 151 -11.41 -7.68 -22.78
CA LYS B 151 -11.84 -7.02 -24.00
C LYS B 151 -13.24 -6.46 -23.92
N PHE B 152 -13.50 -5.48 -24.78
CA PHE B 152 -14.85 -4.90 -25.02
C PHE B 152 -15.72 -5.77 -25.95
N PHE B 153 -17.02 -5.78 -25.70
CA PHE B 153 -18.00 -6.48 -26.55
C PHE B 153 -19.29 -5.67 -26.72
N ASN B 154 -19.83 -5.68 -27.95
CA ASN B 154 -21.26 -5.39 -28.20
C ASN B 154 -21.88 -6.70 -28.62
N ILE B 155 -23.04 -7.01 -28.07
CA ILE B 155 -23.76 -8.20 -28.48
C ILE B 155 -25.04 -7.77 -29.17
N PRO B 156 -25.20 -8.19 -30.44
CA PRO B 156 -26.47 -8.02 -31.14
C PRO B 156 -27.51 -9.07 -30.67
N ASP B 157 -27.05 -10.28 -30.36
CA ASP B 157 -27.95 -11.31 -29.86
C ASP B 157 -27.20 -12.39 -29.08
N VAL B 158 -27.48 -12.43 -27.77
CA VAL B 158 -26.92 -13.40 -26.84
C VAL B 158 -27.53 -14.80 -27.03
N LYS B 159 -28.65 -14.86 -27.75
CA LYS B 159 -29.24 -16.13 -28.16
C LYS B 159 -28.32 -16.79 -29.21
N LYS B 160 -27.71 -15.97 -30.06
CA LYS B 160 -26.72 -16.44 -31.01
C LYS B 160 -25.32 -16.34 -30.42
N ASN B 161 -25.18 -16.67 -29.13
CA ASN B 161 -23.89 -16.50 -28.45
C ASN B 161 -23.50 -17.65 -27.53
N ASN B 162 -22.36 -18.26 -27.86
CA ASN B 162 -21.75 -19.37 -27.12
C ASN B 162 -21.59 -19.14 -25.61
N HIS B 163 -21.02 -18.00 -25.23
CA HIS B 163 -20.72 -17.72 -23.81
C HIS B 163 -21.93 -17.24 -23.00
N PHE B 164 -23.06 -17.94 -23.06
CA PHE B 164 -24.30 -17.41 -22.52
C PHE B 164 -24.48 -17.71 -21.03
N SER B 165 -25.09 -16.75 -20.34
CA SER B 165 -25.41 -16.86 -18.92
C SER B 165 -26.92 -16.94 -18.73
N ASP B 166 -27.52 -18.10 -18.98
CA ASP B 166 -29.00 -18.22 -18.90
C ASP B 166 -29.55 -18.28 -17.46
N TYR B 167 -28.67 -18.24 -16.45
CA TYR B 167 -29.04 -18.38 -15.03
C TYR B 167 -29.85 -17.20 -14.48
N LEU B 168 -29.28 -15.99 -14.51
CA LEU B 168 -29.93 -14.82 -13.91
C LEU B 168 -31.12 -14.32 -14.73
N ASP B 169 -31.15 -14.70 -16.00
CA ASP B 169 -32.31 -14.47 -16.85
C ASP B 169 -33.44 -15.28 -16.22
N LYS B 170 -33.23 -16.59 -16.14
CA LYS B 170 -34.24 -17.53 -15.68
C LYS B 170 -34.54 -17.35 -14.21
N LYS B 171 -33.53 -17.02 -13.40
CA LYS B 171 -33.69 -16.91 -11.95
C LYS B 171 -34.47 -15.67 -11.51
N THR B 172 -34.19 -14.53 -12.14
CA THR B 172 -34.92 -13.27 -11.90
C THR B 172 -36.13 -13.08 -12.83
N GLY B 173 -36.13 -13.80 -13.96
CA GLY B 173 -37.17 -13.66 -14.97
C GLY B 173 -36.74 -12.67 -16.04
N TYR B 174 -36.71 -11.40 -15.67
CA TYR B 174 -36.44 -10.29 -16.61
C TYR B 174 -35.33 -10.60 -17.64
N THR B 175 -35.67 -11.39 -18.67
CA THR B 175 -34.67 -11.94 -19.62
C THR B 175 -33.91 -10.87 -20.43
N THR B 176 -32.86 -11.32 -21.11
CA THR B 176 -31.96 -10.45 -21.87
C THR B 176 -31.85 -10.91 -23.31
N VAL B 177 -31.73 -9.94 -24.22
CA VAL B 177 -31.54 -10.21 -25.66
C VAL B 177 -30.16 -9.74 -26.13
N ASN B 178 -29.86 -8.45 -25.95
CA ASN B 178 -28.59 -7.82 -26.38
C ASN B 178 -27.94 -7.03 -25.24
N MET B 179 -26.61 -6.90 -25.29
CA MET B 179 -25.87 -6.24 -24.22
C MET B 179 -24.45 -5.90 -24.61
N MET B 180 -23.99 -4.70 -24.26
CA MET B 180 -22.56 -4.38 -24.39
C MET B 180 -21.82 -4.40 -23.03
N ALA B 181 -20.61 -4.96 -23.05
CA ALA B 181 -19.85 -5.29 -21.84
C ALA B 181 -18.35 -4.99 -21.95
N ILE B 182 -17.71 -4.79 -20.82
CA ILE B 182 -16.29 -4.42 -20.76
C ILE B 182 -15.71 -4.80 -19.41
N PRO B 183 -14.40 -5.08 -19.33
CA PRO B 183 -13.76 -5.15 -18.03
C PRO B 183 -13.13 -3.82 -17.62
N ILE B 184 -13.13 -3.58 -16.32
CA ILE B 184 -12.27 -2.56 -15.77
C ILE B 184 -11.05 -3.31 -15.28
N THR B 185 -9.85 -2.82 -15.64
CA THR B 185 -8.61 -3.38 -15.13
C THR B 185 -7.75 -2.38 -14.39
N GLN B 186 -6.84 -2.90 -13.58
CA GLN B 186 -5.71 -2.13 -13.09
C GLN B 186 -4.47 -2.97 -13.30
N GLY B 187 -3.39 -2.33 -13.74
CA GLY B 187 -2.25 -3.07 -14.26
C GLY B 187 -2.72 -4.35 -14.93
N LYS B 188 -2.07 -5.45 -14.57
CA LYS B 188 -2.43 -6.77 -15.06
C LYS B 188 -3.75 -7.24 -14.48
N GLU B 189 -4.18 -6.66 -13.36
CA GLU B 189 -5.39 -7.12 -12.66
C GLU B 189 -6.74 -6.66 -13.27
N VAL B 190 -7.72 -7.56 -13.28
CA VAL B 190 -9.11 -7.25 -13.71
C VAL B 190 -10.12 -7.08 -12.54
N LEU B 191 -10.41 -5.85 -12.21
CA LEU B 191 -11.20 -5.55 -11.04
C LEU B 191 -12.70 -5.83 -11.21
N ALA B 192 -13.25 -5.46 -12.34
CA ALA B 192 -14.70 -5.46 -12.49
C ALA B 192 -15.11 -5.77 -13.94
N VAL B 193 -16.41 -6.05 -14.11
CA VAL B 193 -17.05 -6.19 -15.42
C VAL B 193 -18.42 -5.48 -15.38
N VAL B 194 -18.54 -4.43 -16.19
CA VAL B 194 -19.78 -3.65 -16.30
C VAL B 194 -20.45 -3.94 -17.60
N MET B 195 -21.79 -4.06 -17.55
CA MET B 195 -22.56 -4.27 -18.76
C MET B 195 -23.78 -3.37 -18.77
N ALA B 196 -24.19 -3.02 -19.99
CA ALA B 196 -25.47 -2.39 -20.26
C ALA B 196 -26.33 -3.48 -20.88
N LEU B 197 -27.54 -3.66 -20.37
CA LEU B 197 -28.42 -4.70 -20.88
C LEU B 197 -29.55 -4.13 -21.74
N ASN B 198 -30.03 -4.98 -22.67
CA ASN B 198 -31.28 -4.75 -23.38
C ASN B 198 -31.47 -3.31 -23.91
N LYS B 199 -31.01 -3.11 -25.15
CA LYS B 199 -31.26 -1.90 -25.91
C LYS B 199 -32.75 -1.57 -25.93
N LEU B 200 -33.10 -0.33 -25.57
CA LEU B 200 -34.49 0.10 -25.59
C LEU B 200 -35.14 0.07 -26.98
N ASN B 201 -34.36 0.26 -28.03
CA ASN B 201 -34.90 0.32 -29.40
C ASN B 201 -34.20 -0.58 -30.42
N ALA B 202 -34.65 -1.83 -30.50
CA ALA B 202 -34.43 -2.71 -31.66
C ALA B 202 -33.05 -3.37 -31.83
N SER B 203 -32.87 -4.49 -31.14
CA SER B 203 -31.91 -5.54 -31.53
C SER B 203 -30.40 -5.22 -31.53
N GLU B 204 -30.01 -3.95 -31.55
CA GLU B 204 -28.57 -3.60 -31.46
C GLU B 204 -28.26 -2.16 -30.99
N PHE B 205 -27.15 -2.03 -30.27
CA PHE B 205 -26.63 -0.74 -29.81
C PHE B 205 -25.81 -0.12 -30.92
N SER B 206 -25.70 1.20 -30.90
CA SER B 206 -24.99 1.92 -31.94
C SER B 206 -23.51 2.02 -31.62
N LYS B 207 -22.70 2.17 -32.65
CA LYS B 207 -21.31 2.55 -32.49
C LYS B 207 -21.18 4.04 -32.11
N GLU B 208 -22.32 4.71 -31.91
CA GLU B 208 -22.37 6.03 -31.28
C GLU B 208 -22.54 5.80 -29.79
N ASP B 209 -23.44 4.88 -29.44
CA ASP B 209 -23.61 4.46 -28.04
C ASP B 209 -22.29 4.02 -27.39
N GLU B 210 -21.60 3.10 -28.03
CA GLU B 210 -20.30 2.59 -27.54
C GLU B 210 -19.46 3.76 -27.05
N GLU B 211 -19.19 4.71 -27.93
CA GLU B 211 -18.35 5.88 -27.59
C GLU B 211 -18.71 6.54 -26.25
N VAL B 212 -19.99 6.51 -25.88
CA VAL B 212 -20.43 7.11 -24.64
C VAL B 212 -20.01 6.20 -23.51
N PHE B 213 -20.67 5.05 -23.45
CA PHE B 213 -20.30 3.89 -22.64
C PHE B 213 -18.80 3.91 -22.38
N LYS B 214 -17.99 3.61 -23.39
CA LYS B 214 -16.55 3.74 -23.29
C LYS B 214 -16.15 5.00 -22.53
N LYS B 215 -16.51 6.16 -23.04
CA LYS B 215 -16.01 7.41 -22.45
C LYS B 215 -16.67 7.78 -21.13
N TYR B 216 -17.57 6.95 -20.62
CA TYR B 216 -18.05 7.05 -19.24
C TYR B 216 -17.42 6.03 -18.31
N LEU B 217 -17.28 4.79 -18.75
CA LEU B 217 -16.53 3.82 -17.97
C LEU B 217 -15.11 4.34 -17.74
N ASN B 218 -14.63 5.15 -18.68
CA ASN B 218 -13.43 5.95 -18.44
C ASN B 218 -13.44 6.52 -17.04
N PHE B 219 -14.58 7.03 -16.62
CA PHE B 219 -14.76 7.66 -15.31
C PHE B 219 -14.86 6.62 -14.21
N ILE B 220 -15.89 5.79 -14.25
CA ILE B 220 -15.98 4.68 -13.30
C ILE B 220 -14.61 4.06 -13.10
N SER B 221 -13.94 3.73 -14.20
CA SER B 221 -12.64 3.12 -14.10
C SER B 221 -11.79 3.89 -13.10
N LEU B 222 -11.65 5.18 -13.35
CA LEU B 222 -10.85 6.02 -12.49
C LEU B 222 -11.23 5.82 -11.03
N VAL B 223 -12.52 5.81 -10.78
CA VAL B 223 -13.05 5.62 -9.44
C VAL B 223 -12.75 4.24 -8.87
N LEU B 224 -12.98 3.20 -9.67
CA LEU B 224 -12.79 1.84 -9.19
C LEU B 224 -11.36 1.58 -8.78
N ARG B 225 -10.44 2.06 -9.61
CA ARG B 225 -9.01 1.89 -9.38
C ARG B 225 -8.56 2.58 -8.11
N ASN B 226 -9.01 3.79 -7.90
CA ASN B 226 -8.66 4.52 -6.69
C ASN B 226 -9.13 3.75 -5.46
N HIS B 227 -10.34 3.22 -5.53
CA HIS B 227 -10.86 2.37 -4.46
C HIS B 227 -9.87 1.19 -4.20
N HIS B 228 -9.51 0.47 -5.26
CA HIS B 228 -8.65 -0.72 -5.18
C HIS B 228 -7.23 -0.43 -4.69
N THR B 229 -6.62 0.66 -5.18
CA THR B 229 -5.34 1.17 -4.66
C THR B 229 -5.46 1.41 -3.14
N SER B 230 -6.60 1.90 -2.66
CA SER B 230 -6.78 1.99 -1.22
C SER B 230 -6.84 0.62 -0.58
N TYR B 231 -7.58 -0.30 -1.18
CA TYR B 231 -7.72 -1.64 -0.60
C TYR B 231 -6.40 -2.37 -0.48
N LEU B 232 -5.60 -2.23 -1.54
CA LEU B 232 -4.24 -2.74 -1.56
C LEU B 232 -3.38 -2.08 -0.49
N TYR B 233 -3.56 -0.78 -0.33
CA TYR B 233 -2.83 -0.04 0.70
C TYR B 233 -3.09 -0.60 2.07
N ASN B 234 -4.28 -1.07 2.31
CA ASN B 234 -4.53 -1.55 3.63
C ASN B 234 -4.18 -3.02 3.80
N ILE B 235 -4.19 -3.77 2.71
CA ILE B 235 -3.65 -5.12 2.69
C ILE B 235 -2.22 -5.04 3.14
N GLU B 236 -1.42 -4.27 2.40
CA GLU B 236 0.01 -4.17 2.66
C GLU B 236 0.34 -3.46 3.95
N SER B 237 -0.56 -2.64 4.48
CA SER B 237 -0.27 -2.04 5.76
C SER B 237 -0.54 -3.06 6.88
N ARG B 238 -1.71 -3.69 6.79
CA ARG B 238 -2.05 -4.81 7.62
C ARG B 238 -0.89 -5.84 7.55
N ARG B 239 -0.46 -6.21 6.38
CA ARG B 239 0.64 -7.14 6.34
C ARG B 239 1.82 -6.60 7.12
N SER B 240 2.17 -5.33 6.91
CA SER B 240 3.42 -4.83 7.47
C SER B 240 3.31 -4.56 8.98
N GLN B 241 2.17 -4.11 9.48
CA GLN B 241 2.00 -4.08 10.93
C GLN B 241 2.06 -5.48 11.54
N MET B 242 1.31 -6.42 10.99
CA MET B 242 1.35 -7.79 11.48
C MET B 242 2.75 -8.32 11.76
N LEU B 243 3.60 -8.33 10.75
CA LEU B 243 5.03 -8.70 10.90
C LEU B 243 5.71 -7.93 12.00
N LEU B 244 5.61 -6.62 11.92
CA LEU B 244 6.27 -5.72 12.82
C LEU B 244 6.01 -6.11 14.27
N TRP B 245 4.75 -6.35 14.63
CA TRP B 245 4.43 -6.85 15.99
C TRP B 245 4.74 -8.35 16.17
N SER B 246 4.35 -9.19 15.22
CA SER B 246 4.75 -10.60 15.25
C SER B 246 6.21 -10.72 15.65
N ALA B 247 7.05 -9.81 15.15
CA ALA B 247 8.49 -9.78 15.44
C ALA B 247 8.86 -9.09 16.76
N ASN B 248 8.08 -8.09 17.15
CA ASN B 248 8.27 -7.40 18.45
C ASN B 248 8.10 -8.35 19.60
N LYS B 249 7.06 -9.17 19.49
CA LYS B 249 6.90 -10.25 20.42
C LYS B 249 8.08 -11.20 20.33
N VAL B 250 8.29 -11.82 19.17
CA VAL B 250 9.27 -12.90 19.11
C VAL B 250 10.60 -12.51 19.77
N PHE B 251 11.05 -11.29 19.50
CA PHE B 251 12.35 -10.89 19.99
C PHE B 251 12.34 -10.37 21.42
N GLU B 252 11.17 -10.14 21.98
CA GLU B 252 11.06 -9.72 23.40
C GLU B 252 11.90 -10.59 24.37
N GLU B 253 11.75 -11.90 24.30
CA GLU B 253 12.50 -12.77 25.19
C GLU B 253 12.51 -14.20 24.68
N LEU B 254 13.62 -14.90 24.87
CA LEU B 254 13.83 -16.21 24.29
C LEU B 254 12.81 -17.12 24.94
N THR B 255 11.88 -17.68 24.18
CA THR B 255 10.86 -18.59 24.73
C THR B 255 10.55 -19.78 23.82
N ASP B 256 9.60 -20.60 24.28
CA ASP B 256 9.14 -21.77 23.53
C ASP B 256 7.98 -21.43 22.61
N ILE B 257 7.74 -22.34 21.68
CA ILE B 257 6.71 -22.19 20.65
C ILE B 257 5.36 -21.65 21.16
N GLU B 258 4.83 -22.20 22.25
CA GLU B 258 3.46 -21.92 22.63
C GLU B 258 3.36 -20.49 23.02
N ARG B 259 4.25 -20.03 23.87
CA ARG B 259 4.21 -18.63 24.32
C ARG B 259 4.55 -17.69 23.19
N GLN B 260 5.43 -18.08 22.29
CA GLN B 260 5.79 -17.19 21.20
C GLN B 260 4.60 -17.02 20.26
N PHE B 261 4.14 -18.15 19.72
CA PHE B 261 2.99 -18.12 18.84
C PHE B 261 1.84 -17.41 19.49
N HIS B 262 1.55 -17.83 20.72
CA HIS B 262 0.47 -17.22 21.45
C HIS B 262 0.67 -15.69 21.62
N LYS B 263 1.75 -15.27 22.27
CA LYS B 263 2.09 -13.85 22.33
C LYS B 263 1.69 -13.19 21.02
N ALA B 264 2.28 -13.67 19.93
CA ALA B 264 2.14 -12.99 18.66
C ALA B 264 0.69 -12.95 18.22
N LEU B 265 0.11 -14.11 18.00
CA LEU B 265 -1.20 -14.15 17.41
C LEU B 265 -2.16 -13.29 18.22
N TYR B 266 -1.92 -13.19 19.52
CA TYR B 266 -2.74 -12.32 20.34
C TYR B 266 -2.50 -10.89 19.95
N THR B 267 -1.26 -10.46 20.06
CA THR B 267 -0.92 -9.06 19.80
C THR B 267 -1.41 -8.50 18.45
N ILE B 268 -1.68 -9.36 17.48
CA ILE B 268 -2.19 -8.92 16.19
C ILE B 268 -3.59 -9.40 15.86
N ARG B 269 -4.40 -9.68 16.87
CA ARG B 269 -5.74 -10.20 16.60
C ARG B 269 -6.51 -9.23 15.74
N MET B 270 -6.42 -7.94 16.07
CA MET B 270 -7.21 -6.94 15.36
C MET B 270 -7.01 -7.00 13.86
N TYR B 271 -5.79 -7.33 13.45
CA TYR B 271 -5.36 -7.10 12.09
C TYR B 271 -5.96 -8.05 11.09
N LEU B 272 -6.46 -9.18 11.57
CA LEU B 272 -6.94 -10.18 10.65
C LEU B 272 -8.36 -9.88 10.10
N ASN B 273 -9.03 -8.87 10.69
CA ASN B 273 -10.40 -8.49 10.32
C ASN B 273 -11.24 -9.76 10.27
N CYS B 274 -11.08 -10.56 11.31
CA CYS B 274 -11.47 -11.96 11.35
C CYS B 274 -12.19 -12.26 12.67
N GLU B 275 -13.23 -13.10 12.62
CA GLU B 275 -14.09 -13.37 13.79
C GLU B 275 -13.66 -14.54 14.62
N ARG B 276 -13.03 -15.52 14.01
CA ARG B 276 -12.41 -16.63 14.75
C ARG B 276 -11.16 -17.09 14.05
N TYR B 277 -10.18 -17.54 14.83
CA TYR B 277 -9.10 -18.37 14.29
C TYR B 277 -8.39 -19.23 15.32
N SER B 278 -8.11 -20.48 14.94
CA SER B 278 -7.34 -21.37 15.80
C SER B 278 -6.05 -21.81 15.14
N VAL B 279 -4.95 -21.46 15.76
CA VAL B 279 -3.68 -22.07 15.47
C VAL B 279 -3.66 -23.44 16.09
N GLY B 280 -3.07 -24.45 15.42
CA GLY B 280 -3.10 -25.84 15.93
C GLY B 280 -1.79 -26.62 15.85
N LEU B 281 -1.10 -26.77 16.98
CA LEU B 281 0.29 -27.29 16.99
C LEU B 281 0.41 -28.82 16.76
N LEU B 282 1.32 -29.21 15.86
CA LEU B 282 1.47 -30.61 15.47
C LEU B 282 2.46 -31.29 16.34
N ASP B 283 2.25 -32.59 16.53
CA ASP B 283 3.26 -33.36 17.19
C ASP B 283 4.41 -33.42 16.21
N MET B 284 5.62 -33.23 16.71
CA MET B 284 6.82 -33.13 15.88
C MET B 284 7.77 -34.30 16.10
N THR B 285 7.28 -35.33 16.76
CA THR B 285 8.06 -36.54 16.99
C THR B 285 7.25 -37.69 16.42
N PRO B 310 8.43 -36.57 7.26
CA PRO B 310 7.08 -36.17 6.85
C PRO B 310 6.23 -37.41 6.63
N ASP B 311 5.05 -37.27 6.01
CA ASP B 311 4.39 -35.97 5.81
C ASP B 311 2.97 -35.91 6.42
N GLY B 312 2.01 -36.59 5.77
CA GLY B 312 0.64 -36.76 6.28
C GLY B 312 0.39 -37.86 7.31
N ARG B 313 -0.90 -38.12 7.54
CA ARG B 313 -1.48 -39.00 8.59
C ARG B 313 -0.68 -39.34 9.91
N GLU B 314 0.62 -39.02 10.02
CA GLU B 314 1.41 -39.14 11.30
C GLU B 314 1.07 -38.00 12.28
N VAL B 315 -0.19 -37.56 12.34
CA VAL B 315 -0.51 -36.15 12.67
C VAL B 315 -0.39 -35.76 14.15
N ASN B 316 -1.49 -35.92 14.89
CA ASN B 316 -1.57 -35.44 16.28
C ASN B 316 -1.34 -33.93 16.50
N PHE B 317 -2.44 -33.21 16.55
CA PHE B 317 -2.43 -31.88 17.14
C PHE B 317 -2.44 -32.02 18.66
N TYR B 318 -1.41 -31.49 19.31
CA TYR B 318 -1.20 -31.73 20.73
C TYR B 318 -1.65 -30.60 21.66
N LYS B 319 -1.59 -29.37 21.16
CA LYS B 319 -2.25 -28.22 21.78
C LYS B 319 -3.20 -27.70 20.72
N ILE B 320 -3.91 -26.63 21.03
CA ILE B 320 -4.65 -25.85 20.04
C ILE B 320 -5.17 -24.58 20.72
N ILE B 321 -4.88 -23.43 20.12
CA ILE B 321 -5.16 -22.13 20.73
C ILE B 321 -6.24 -21.42 19.96
N ASP B 322 -7.42 -21.28 20.54
CA ASP B 322 -8.49 -20.56 19.89
C ASP B 322 -8.45 -19.10 20.24
N TYR B 323 -8.85 -18.30 19.27
CA TYR B 323 -9.07 -16.89 19.46
C TYR B 323 -10.54 -16.61 19.08
N ILE B 324 -11.41 -16.44 20.07
CA ILE B 324 -12.79 -16.03 19.79
C ILE B 324 -12.89 -14.50 19.87
N LEU B 325 -12.97 -13.87 18.70
CA LEU B 325 -12.96 -12.41 18.57
C LEU B 325 -14.27 -11.83 18.03
N HIS B 326 -15.33 -12.64 17.99
CA HIS B 326 -16.65 -12.17 17.62
C HIS B 326 -17.62 -12.75 18.55
N GLY B 327 -18.18 -11.85 19.36
CA GLY B 327 -19.03 -12.13 20.48
C GLY B 327 -18.33 -11.49 21.65
N LYS B 328 -18.35 -12.15 22.79
CA LYS B 328 -17.62 -11.69 23.98
C LYS B 328 -16.24 -12.36 24.01
N GLU B 329 -15.18 -11.54 23.93
CA GLU B 329 -13.84 -12.03 23.58
C GLU B 329 -13.16 -13.04 24.54
N GLU B 330 -13.25 -14.33 24.19
CA GLU B 330 -12.56 -15.38 24.98
C GLU B 330 -11.44 -16.07 24.18
N ILE B 331 -10.42 -16.58 24.89
CA ILE B 331 -9.24 -17.21 24.29
C ILE B 331 -8.87 -18.52 24.98
N LYS B 332 -9.13 -19.65 24.34
CA LYS B 332 -8.89 -20.94 24.95
C LYS B 332 -7.52 -21.40 24.54
N VAL B 333 -6.95 -22.32 25.32
CA VAL B 333 -5.62 -22.88 25.06
C VAL B 333 -5.72 -24.36 25.34
N ILE B 334 -6.65 -25.04 24.68
CA ILE B 334 -6.78 -26.51 24.82
C ILE B 334 -5.50 -27.33 24.56
N PRO B 335 -5.24 -28.33 25.41
CA PRO B 335 -4.20 -29.27 25.11
C PRO B 335 -4.80 -30.67 24.96
N THR B 336 -3.97 -31.58 24.45
CA THR B 336 -4.40 -32.86 23.96
C THR B 336 -5.78 -32.77 23.36
N PRO B 337 -5.98 -31.81 22.46
CA PRO B 337 -7.31 -31.40 22.04
C PRO B 337 -8.18 -32.50 21.49
N PRO B 338 -9.47 -32.38 21.69
CA PRO B 338 -10.30 -33.52 21.39
C PRO B 338 -10.36 -33.86 19.92
N ALA B 339 -10.66 -35.14 19.67
CA ALA B 339 -11.18 -35.66 18.38
C ALA B 339 -12.11 -34.69 17.62
N ASP B 340 -12.99 -34.01 18.35
CA ASP B 340 -14.04 -33.22 17.74
C ASP B 340 -13.99 -31.78 18.22
N HIS B 341 -12.79 -31.26 18.43
CA HIS B 341 -12.66 -29.84 18.68
C HIS B 341 -13.40 -29.04 17.60
N TRP B 342 -14.03 -27.93 17.98
CA TRP B 342 -14.88 -27.16 17.05
C TRP B 342 -14.24 -26.75 15.71
N CYS B 343 -12.92 -26.57 15.69
CA CYS B 343 -12.23 -26.30 14.43
C CYS B 343 -11.83 -27.59 13.68
N LEU B 344 -11.49 -28.64 14.41
CA LEU B 344 -10.98 -29.87 13.78
C LEU B 344 -12.04 -30.69 13.09
N ILE B 345 -13.20 -30.78 13.71
CA ILE B 345 -14.37 -31.49 13.18
C ILE B 345 -14.57 -31.45 11.66
N SER B 346 -14.16 -30.37 10.99
CA SER B 346 -14.26 -30.31 9.53
C SER B 346 -13.23 -31.19 8.77
N GLY B 347 -12.16 -31.59 9.43
CA GLY B 347 -11.12 -32.36 8.78
C GLY B 347 -10.27 -31.53 7.82
N LEU B 348 -10.48 -30.21 7.85
CA LEU B 348 -9.66 -29.31 7.05
C LEU B 348 -8.26 -29.26 7.64
N PRO B 349 -8.13 -29.09 8.96
CA PRO B 349 -6.77 -28.93 9.39
C PRO B 349 -5.97 -30.22 9.24
N THR B 350 -6.64 -31.36 9.21
CA THR B 350 -5.94 -32.60 8.86
C THR B 350 -5.50 -32.50 7.41
N TYR B 351 -6.45 -32.20 6.53
CA TYR B 351 -6.13 -32.05 5.12
C TYR B 351 -4.89 -31.22 4.99
N VAL B 352 -4.85 -30.07 5.66
CA VAL B 352 -3.72 -29.17 5.50
C VAL B 352 -2.49 -29.73 6.16
N ALA B 353 -2.70 -30.58 7.15
CA ALA B 353 -1.57 -31.19 7.78
C ALA B 353 -0.96 -32.12 6.75
N GLU B 354 -1.78 -33.02 6.16
CA GLU B 354 -1.23 -34.09 5.31
C GLU B 354 -0.75 -33.61 3.92
N ASN B 355 -1.58 -32.82 3.25
CA ASN B 355 -1.18 -32.01 2.09
C ASN B 355 -0.69 -30.67 2.63
N GLY B 356 0.02 -29.84 1.86
CA GLY B 356 0.52 -28.58 2.45
C GLY B 356 0.01 -27.25 1.92
N PHE B 357 -1.26 -27.16 1.52
CA PHE B 357 -1.69 -26.06 0.65
C PHE B 357 -2.76 -25.18 1.25
N ILE B 358 -2.55 -23.87 1.20
CA ILE B 358 -3.58 -22.87 1.53
C ILE B 358 -4.93 -23.32 0.98
N CYS B 359 -6.01 -23.11 1.73
CA CYS B 359 -7.33 -23.65 1.36
C CYS B 359 -8.50 -22.72 1.58
N ASN B 360 -8.54 -21.64 0.82
CA ASN B 360 -9.72 -20.78 0.73
C ASN B 360 -11.01 -21.50 0.34
N MET B 361 -12.05 -21.25 1.13
CA MET B 361 -13.37 -21.76 0.77
C MET B 361 -14.51 -20.97 1.41
N MET B 362 -15.63 -20.95 0.66
CA MET B 362 -16.76 -20.04 0.92
C MET B 362 -17.90 -20.58 1.80
N ASN B 363 -18.24 -21.87 1.76
CA ASN B 363 -19.39 -22.33 2.52
C ASN B 363 -19.20 -23.59 3.41
N ALA B 364 -20.31 -24.05 4.00
CA ALA B 364 -20.31 -25.26 4.78
C ALA B 364 -20.68 -26.59 4.05
N PRO B 365 -21.08 -26.56 2.74
CA PRO B 365 -21.41 -27.85 2.12
C PRO B 365 -20.30 -28.60 1.38
N ALA B 366 -19.11 -28.03 1.17
CA ALA B 366 -18.09 -28.78 0.43
C ALA B 366 -18.06 -30.23 0.91
N ASP B 367 -18.66 -31.14 0.14
CA ASP B 367 -18.49 -32.57 0.39
C ASP B 367 -16.97 -32.83 0.31
N GLU B 368 -16.51 -33.93 0.89
CA GLU B 368 -15.11 -34.06 1.31
C GLU B 368 -14.92 -32.91 2.27
N TYR B 369 -15.85 -32.78 3.23
CA TYR B 369 -15.69 -32.00 4.48
C TYR B 369 -16.92 -31.93 5.36
N PHE B 370 -16.66 -31.73 6.65
CA PHE B 370 -17.66 -31.66 7.68
C PHE B 370 -17.50 -30.38 8.49
N THR B 371 -17.32 -29.26 7.79
CA THR B 371 -17.49 -27.96 8.43
C THR B 371 -18.96 -27.96 8.87
N PHE B 372 -19.28 -27.09 9.81
CA PHE B 372 -20.43 -27.28 10.66
C PHE B 372 -21.65 -26.80 9.94
N GLN B 373 -22.35 -27.71 9.25
CA GLN B 373 -23.60 -27.36 8.52
C GLN B 373 -24.60 -26.76 9.50
N LYS B 374 -24.67 -27.37 10.69
CA LYS B 374 -25.48 -26.86 11.79
C LYS B 374 -25.32 -25.33 11.95
N GLY B 375 -26.40 -24.66 12.29
CA GLY B 375 -26.47 -23.20 12.36
C GLY B 375 -25.96 -22.55 13.63
N PRO B 376 -25.47 -23.36 14.57
CA PRO B 376 -24.57 -22.81 15.55
C PRO B 376 -23.27 -23.53 15.39
N VAL B 377 -22.24 -23.07 16.08
CA VAL B 377 -21.17 -24.00 16.42
C VAL B 377 -21.38 -24.39 17.87
N ASP B 378 -22.13 -23.55 18.59
CA ASP B 378 -22.19 -23.62 20.02
C ASP B 378 -23.36 -22.80 20.58
N GLU B 379 -23.31 -22.52 21.88
CA GLU B 379 -24.37 -21.79 22.59
C GLU B 379 -24.64 -20.42 21.98
N THR B 380 -23.60 -19.70 21.55
CA THR B 380 -23.77 -18.34 21.00
C THR B 380 -24.50 -18.30 19.65
N GLY B 381 -24.72 -19.45 19.04
CA GLY B 381 -25.45 -19.52 17.79
C GLY B 381 -24.64 -19.10 16.59
N TRP B 382 -23.31 -19.01 16.78
CA TRP B 382 -22.37 -18.50 15.76
C TRP B 382 -22.34 -19.46 14.57
N VAL B 383 -22.42 -18.88 13.36
CA VAL B 383 -22.49 -19.67 12.11
C VAL B 383 -21.21 -19.52 11.29
N ILE B 384 -20.91 -20.53 10.49
CA ILE B 384 -19.69 -20.53 9.69
C ILE B 384 -19.96 -20.31 8.21
N LYS B 385 -19.26 -19.36 7.60
CA LYS B 385 -19.46 -19.08 6.21
C LYS B 385 -18.17 -19.35 5.46
N ASN B 386 -17.19 -18.48 5.66
CA ASN B 386 -15.93 -18.56 4.91
C ASN B 386 -14.81 -18.99 5.82
N VAL B 387 -13.99 -19.90 5.30
CA VAL B 387 -12.85 -20.43 6.02
C VAL B 387 -11.65 -20.43 5.12
N LEU B 388 -10.50 -20.21 5.71
CA LEU B 388 -9.28 -20.18 5.00
C LEU B 388 -8.23 -20.73 5.93
N SER B 389 -7.62 -21.86 5.60
CA SER B 389 -6.56 -22.41 6.48
C SER B 389 -5.26 -22.75 5.77
N LEU B 390 -4.15 -22.50 6.48
CA LEU B 390 -2.81 -22.56 5.94
C LEU B 390 -1.90 -23.37 6.86
N PRO B 391 -0.84 -24.00 6.32
CA PRO B 391 0.20 -24.55 7.15
C PRO B 391 1.17 -23.51 7.70
N ILE B 392 1.82 -23.86 8.81
CA ILE B 392 2.86 -23.06 9.44
C ILE B 392 4.10 -23.92 9.34
N VAL B 393 5.13 -23.47 8.63
CA VAL B 393 6.23 -24.39 8.26
C VAL B 393 7.66 -23.97 8.63
N ASN B 394 8.33 -24.96 9.19
CA ASN B 394 9.73 -24.96 9.49
C ASN B 394 10.61 -24.30 8.43
N LYS B 395 11.80 -23.88 8.84
CA LYS B 395 12.88 -23.62 7.88
C LYS B 395 13.44 -24.95 7.36
N LYS B 396 13.17 -26.04 8.03
CA LYS B 396 13.44 -27.35 7.46
C LYS B 396 12.32 -27.77 6.53
N GLU B 397 11.26 -27.00 6.48
CA GLU B 397 10.06 -27.39 5.76
C GLU B 397 9.35 -28.68 6.21
N GLU B 398 9.29 -29.01 7.51
CA GLU B 398 8.14 -29.81 7.95
C GLU B 398 7.12 -28.85 8.49
N ILE B 399 5.87 -29.27 8.43
CA ILE B 399 4.78 -28.52 8.96
C ILE B 399 4.77 -28.53 10.50
N VAL B 400 4.99 -27.37 11.07
CA VAL B 400 4.99 -27.18 12.51
C VAL B 400 3.56 -27.03 13.04
N GLY B 401 2.65 -26.45 12.25
CA GLY B 401 1.26 -26.39 12.67
C GLY B 401 0.35 -25.99 11.53
N VAL B 402 -0.93 -25.76 11.82
CA VAL B 402 -1.99 -25.47 10.82
C VAL B 402 -3.02 -24.41 11.30
N ALA B 403 -3.00 -23.23 10.71
CA ALA B 403 -3.74 -22.11 11.27
C ALA B 403 -4.96 -21.77 10.44
N THR B 404 -6.13 -22.10 10.96
CA THR B 404 -7.33 -21.87 10.22
C THR B 404 -8.02 -20.56 10.64
N PHE B 405 -8.42 -19.77 9.63
CA PHE B 405 -9.19 -18.53 9.85
C PHE B 405 -10.66 -18.59 9.41
N TYR B 406 -11.51 -17.94 10.19
CA TYR B 406 -12.94 -18.06 10.00
C TYR B 406 -13.64 -16.68 9.88
N ASN B 407 -14.38 -16.51 8.79
CA ASN B 407 -15.29 -15.38 8.62
C ASN B 407 -14.74 -13.95 8.75
N ARG B 408 -14.43 -13.32 7.62
CA ARG B 408 -14.06 -11.90 7.61
C ARG B 408 -15.13 -11.05 8.28
N LYS B 409 -14.71 -9.93 8.84
CA LYS B 409 -15.59 -9.10 9.64
C LYS B 409 -16.66 -8.40 8.82
N ASP B 410 -16.49 -8.32 7.50
CA ASP B 410 -17.45 -7.60 6.65
C ASP B 410 -18.15 -8.53 5.67
N GLY B 411 -18.20 -9.81 6.02
CA GLY B 411 -19.04 -10.79 5.29
C GLY B 411 -18.59 -11.21 3.92
N LYS B 412 -17.43 -10.71 3.50
CA LYS B 412 -16.92 -11.02 2.18
C LYS B 412 -16.26 -12.38 2.27
N PRO B 413 -16.07 -13.07 1.14
CA PRO B 413 -15.22 -14.26 1.17
C PRO B 413 -13.77 -13.88 1.29
N PHE B 414 -12.94 -14.84 1.74
CA PHE B 414 -11.51 -14.61 1.81
C PHE B 414 -11.05 -14.54 0.39
N ASP B 415 -10.07 -13.69 0.11
CA ASP B 415 -9.58 -13.53 -1.25
C ASP B 415 -8.08 -13.57 -1.36
N GLU B 416 -7.70 -13.60 -2.61
CA GLU B 416 -6.37 -13.28 -3.06
C GLU B 416 -5.45 -12.64 -2.03
N TYR B 417 -5.81 -11.46 -1.57
CA TYR B 417 -4.92 -10.66 -0.75
C TYR B 417 -5.00 -10.98 0.76
N ASP B 418 -6.12 -11.56 1.19
CA ASP B 418 -6.21 -12.14 2.52
C ASP B 418 -5.21 -13.25 2.53
N GLU B 419 -5.23 -14.05 1.47
CA GLU B 419 -4.27 -15.16 1.31
C GLU B 419 -2.82 -14.68 1.47
N GLN B 420 -2.49 -13.54 0.91
CA GLN B 420 -1.09 -13.17 0.86
C GLN B 420 -0.56 -12.67 2.19
N ILE B 421 -1.31 -11.81 2.86
CA ILE B 421 -0.83 -11.26 4.14
C ILE B 421 -0.84 -12.34 5.23
N ILE B 422 -1.70 -13.33 5.08
CA ILE B 422 -1.74 -14.41 6.07
C ILE B 422 -0.63 -15.43 5.77
N GLU B 423 -0.26 -15.59 4.52
CA GLU B 423 0.91 -16.38 4.23
C GLU B 423 2.11 -15.59 4.75
N THR B 424 2.07 -14.29 4.63
CA THR B 424 3.17 -13.49 5.13
C THR B 424 3.37 -13.80 6.62
N LEU B 425 2.29 -13.88 7.36
CA LEU B 425 2.36 -14.26 8.75
C LEU B 425 2.85 -15.69 8.96
N THR B 426 2.05 -16.67 8.52
CA THR B 426 2.37 -18.09 8.73
C THR B 426 3.81 -18.41 8.45
N GLN B 427 4.33 -17.85 7.37
CA GLN B 427 5.74 -18.00 7.05
C GLN B 427 6.63 -17.40 8.13
N PHE B 428 6.31 -16.18 8.54
CA PHE B 428 7.17 -15.49 9.48
C PHE B 428 7.35 -16.19 10.81
N LEU B 429 6.38 -17.04 11.18
CA LEU B 429 6.48 -17.79 12.43
C LEU B 429 7.21 -19.07 12.15
N GLY B 430 6.80 -19.76 11.10
CA GLY B 430 7.46 -20.98 10.70
C GLY B 430 8.97 -20.85 10.71
N TRP B 431 9.44 -19.63 10.48
CA TRP B 431 10.87 -19.32 10.55
C TRP B 431 11.29 -19.01 11.96
N SER B 432 10.46 -18.30 12.70
CA SER B 432 10.67 -18.01 14.14
C SER B 432 10.92 -19.25 15.02
N VAL B 433 10.56 -20.43 14.52
CA VAL B 433 10.74 -21.67 15.26
C VAL B 433 12.19 -21.82 15.74
N LEU B 434 13.12 -21.18 15.05
CA LEU B 434 14.50 -21.19 15.40
C LEU B 434 14.68 -20.81 16.84
N ASN B 435 13.89 -19.86 17.32
CA ASN B 435 14.03 -19.44 18.71
C ASN B 435 13.38 -20.40 19.71
N THR B 436 12.13 -20.73 19.49
CA THR B 436 11.59 -22.00 19.90
C THR B 436 12.67 -23.10 20.01
N ASP B 437 13.24 -23.54 18.89
CA ASP B 437 14.18 -24.66 18.92
C ASP B 437 15.37 -24.29 19.72
N THR B 438 15.84 -23.06 19.58
CA THR B 438 16.98 -22.61 20.35
C THR B 438 16.67 -22.71 21.83
N TYR B 439 15.53 -22.20 22.25
CA TYR B 439 15.11 -22.25 23.67
C TYR B 439 15.38 -23.63 24.30
N ASP B 440 14.74 -24.66 23.73
CA ASP B 440 14.86 -26.01 24.26
C ASP B 440 16.32 -26.41 24.39
N LYS B 441 17.18 -25.95 23.49
CA LYS B 441 18.61 -26.25 23.53
C LYS B 441 19.31 -25.45 24.63
N MET B 442 19.10 -24.14 24.64
CA MET B 442 19.56 -23.32 25.74
C MET B 442 19.19 -23.89 27.13
N ASN B 443 18.24 -24.81 27.19
CA ASN B 443 17.88 -25.47 28.47
C ASN B 443 18.57 -26.80 28.70
N LYS B 444 18.52 -27.68 27.71
CA LYS B 444 19.28 -28.91 27.73
C LYS B 444 20.75 -28.64 28.06
N LEU B 445 21.25 -27.48 27.66
CA LEU B 445 22.63 -27.16 27.93
C LEU B 445 22.79 -26.45 29.26
N GLU B 446 21.85 -25.60 29.64
CA GLU B 446 21.90 -25.03 30.98
C GLU B 446 21.80 -26.14 32.03
N ASN B 447 21.24 -27.30 31.66
CA ASN B 447 21.27 -28.49 32.51
C ASN B 447 22.67 -29.08 32.57
N ARG B 448 23.08 -29.68 31.44
CA ARG B 448 24.37 -30.36 31.31
C ARG B 448 25.51 -29.58 31.98
N LYS B 449 25.45 -28.25 31.87
CA LYS B 449 26.38 -27.38 32.57
C LYS B 449 26.17 -27.45 34.08
N ASP B 450 24.95 -27.24 34.54
CA ASP B 450 24.69 -27.28 35.98
C ASP B 450 24.75 -28.70 36.60
N ILE B 451 24.98 -29.75 35.79
CA ILE B 451 25.41 -31.06 36.34
C ILE B 451 26.92 -31.27 36.18
N ALA B 452 27.70 -30.22 36.43
CA ALA B 452 29.13 -30.35 36.65
C ALA B 452 29.44 -30.03 38.12
N GLN B 453 28.90 -28.90 38.59
CA GLN B 453 29.14 -28.39 39.96
C GLN B 453 28.15 -28.93 41.01
#